data_6TPA
#
_entry.id   6TPA
#
_cell.length_a   71.985
_cell.length_b   72.339
_cell.length_c   189.127
_cell.angle_alpha   90.000
_cell.angle_beta   90.000
_cell.angle_gamma   90.000
#
_symmetry.space_group_name_H-M   'P 21 21 21'
#
loop_
_entity.id
_entity.type
_entity.pdbx_description
1 polymer 'Cyclin-dependent kinase 8'
2 polymer Cyclin-C
3 non-polymer 1-[4-chloranyl-3-(trifluoromethyl)phenyl]-3-(5-oxidanylidene-6-pyridin-4-yl-pyrido[2,3-b][1,5]benzoxazepin-9-yl)urea
4 non-polymer 'FORMIC ACID'
5 non-polymer (2~{R})-butane-1,2-diol
6 water water
#
loop_
_entity_poly.entity_id
_entity_poly.type
_entity_poly.pdbx_seq_one_letter_code
_entity_poly.pdbx_strand_id
1 'polypeptide(L)'
;SKMDYDFKVKLSSERERVEDLFEYEGCKVGRGTYGHVYKAKRKDGKDDKDYALKQIEGTGISMSACREIALLRELKHPNV
ISLQKVFLSHADRKVWLLFDYAEHDLWHIIKFHRASKANKKPVQLPRGMVKSLLYQILDGIHYLHANWVLHRDLKPANIL
VMGEGPERGRVKIADMGFARLFNSPLKPLADLDPVVVTFWYRAPELLLGARHYTKAIDIWAIGCIFAELLTSEPIFHCRQ
EDIKTSNPYHHDQLDRIFNVMGFPADKDWEDIKKMPEHSTLMKDFRRNTYTNCSLIKYMEKHKVKPDSKAFHLLQKLLTM
DPIKRITSEQAMQDPYFLEDPLPTSDVFAGCQIPYPKREFLTEEEPDDKGDKKNQQQQQGNNHTNGTGHPGNQDSSHTQG
PPLKK
;
A
2 'polypeptide(L)'
;KAMAGNFWQSSHYLQWILDKQDLLKERQKDLKFLSEEEYWKLQIFFTNVIQALGEHLKLRQQVIATATVYFKRFYARYSL
KSIDPVLMAPTCVFLASKVEEFGVVSNTRLIAAATSVLKTRFSYAFPKEFPYRMNHILECEFYLLELMDCCLIVYHPYRP
LLQYVQDMGQEDMLLPLAWRIVNDTYRTDLCLLYPPFMIALACLHVACVVQQKDARQWFAELSVDMEKILEIIRVILKLY
EQWKNFDERKEMATILSKMPKPKPPPNSEGEQGPNGSQNSSYSQS
;
B
#
loop_
_chem_comp.id
_chem_comp.type
_chem_comp.name
_chem_comp.formula
FMT non-polymer 'FORMIC ACID' 'C H2 O2'
NZ5 non-polymer (2~{R})-butane-1,2-diol 'C4 H10 O2'
NZ8 non-polymer 1-[4-chloranyl-3-(trifluoromethyl)phenyl]-3-(5-oxidanylidene-6-pyridin-4-yl-pyrido[2,3-b][1,5]benzoxazepin-9-yl)urea 'C25 H15 Cl F3 N5 O3'
#
# COMPACT_ATOMS: atom_id res chain seq x y z
N SER A 1 -28.26 8.50 19.49
CA SER A 1 -27.89 8.75 18.09
C SER A 1 -26.56 8.07 17.74
N LYS A 2 -25.77 8.75 16.90
CA LYS A 2 -24.68 8.05 16.21
C LYS A 2 -23.44 7.91 17.10
N MET A 3 -22.99 9.02 17.69
CA MET A 3 -21.78 9.04 18.48
C MET A 3 -22.05 9.70 19.82
N ASP A 4 -21.46 9.14 20.87
CA ASP A 4 -21.61 9.71 22.20
C ASP A 4 -20.82 11.01 22.29
N TYR A 5 -21.38 11.98 23.04
CA TYR A 5 -20.80 13.32 23.11
C TYR A 5 -19.51 13.34 23.93
N ASP A 6 -19.49 12.65 25.07
CA ASP A 6 -18.31 12.68 25.92
C ASP A 6 -17.10 12.15 25.17
N PHE A 7 -17.32 11.11 24.35
CA PHE A 7 -16.26 10.55 23.54
C PHE A 7 -15.80 11.53 22.46
N LYS A 8 -16.70 12.39 21.97
CA LYS A 8 -16.31 13.36 20.94
C LYS A 8 -15.46 14.48 21.52
N VAL A 9 -15.84 15.00 22.69
CA VAL A 9 -15.11 16.12 23.29
C VAL A 9 -13.77 15.67 23.81
N LYS A 10 -13.66 14.47 24.39
CA LYS A 10 -12.36 13.97 24.80
C LYS A 10 -11.43 13.85 23.61
N LEU A 11 -11.92 13.28 22.52
CA LEU A 11 -11.11 13.24 21.32
C LEU A 11 -10.86 14.66 20.81
N SER A 12 -11.71 15.61 21.17
CA SER A 12 -11.58 16.96 20.66
C SER A 12 -10.79 17.85 21.65
N SER A 13 -10.35 17.30 22.82
CA SER A 13 -9.42 17.96 23.73
C SER A 13 -8.03 17.33 23.81
N GLU A 14 -7.75 16.12 23.18
CA GLU A 14 -6.54 15.35 23.10
C GLU A 14 -5.87 15.30 21.68
N ARG A 15 -6.61 15.20 20.58
CA ARG A 15 -6.13 15.20 19.17
C ARG A 15 -5.24 16.38 18.86
N GLU A 16 -4.40 16.14 17.89
CA GLU A 16 -3.44 17.08 17.42
C GLU A 16 -3.81 17.71 16.12
N ARG A 17 -3.67 19.01 16.10
CA ARG A 17 -3.92 19.84 14.94
C ARG A 17 -2.59 20.24 14.32
N VAL A 18 -2.50 20.08 13.00
CA VAL A 18 -1.27 20.40 12.29
C VAL A 18 -0.97 21.89 12.39
N GLU A 19 -2.01 22.70 12.56
CA GLU A 19 -1.86 24.14 12.66
C GLU A 19 -1.19 24.60 13.95
N ASP A 20 -1.30 23.79 14.98
CA ASP A 20 -0.70 24.12 16.27
C ASP A 20 0.56 23.32 16.55
N LEU A 21 0.88 22.32 15.74
CA LEU A 21 2.07 21.51 16.01
C LEU A 21 3.24 21.84 15.11
N PHE A 22 3.02 22.54 14.00
CA PHE A 22 4.07 22.84 13.04
C PHE A 22 4.01 24.31 12.63
N GLU A 23 5.20 24.88 12.44
CA GLU A 23 5.36 26.20 11.82
C GLU A 23 5.56 25.95 10.33
N TYR A 24 4.54 26.29 9.51
CA TYR A 24 4.60 25.96 8.09
C TYR A 24 4.33 27.18 7.21
N GLU A 25 5.36 27.98 7.04
CA GLU A 25 5.43 28.83 5.87
C GLU A 25 6.72 28.45 5.15
N GLY A 26 6.49 28.07 3.91
CA GLY A 26 7.49 27.59 3.00
C GLY A 26 6.65 26.71 2.14
N CYS A 27 5.90 27.34 1.24
CA CYS A 27 5.00 26.65 0.32
C CYS A 27 5.81 26.11 -0.83
N LYS A 28 6.25 24.85 -0.73
CA LYS A 28 7.18 24.31 -1.72
C LYS A 28 6.48 24.13 -3.06
N VAL A 29 5.17 23.95 -3.06
CA VAL A 29 4.46 23.70 -4.30
C VAL A 29 2.96 23.78 -4.13
N GLY A 30 2.29 24.29 -5.16
CA GLY A 30 0.83 24.30 -5.22
C GLY A 30 0.39 23.62 -6.50
N ARG A 31 -0.72 22.89 -6.41
CA ARG A 31 -1.07 22.04 -7.54
C ARG A 31 -2.54 21.81 -7.73
N GLY A 32 -3.01 22.15 -8.93
CA GLY A 32 -4.36 21.85 -9.35
C GLY A 32 -4.69 20.40 -9.09
N THR A 33 -5.17 20.14 -7.87
CA THR A 33 -5.71 18.85 -7.50
C THR A 33 -4.89 18.13 -6.46
N TYR A 34 -3.62 18.45 -6.33
CA TYR A 34 -2.88 17.82 -5.25
C TYR A 34 -2.76 18.70 -4.02
N GLY A 35 -3.40 19.87 -4.01
CA GLY A 35 -3.38 20.69 -2.81
C GLY A 35 -2.12 21.53 -2.68
N HIS A 36 -1.57 21.60 -1.47
CA HIS A 36 -0.41 22.43 -1.18
C HIS A 36 0.62 21.64 -0.39
N VAL A 37 1.89 21.88 -0.66
CA VAL A 37 3.00 21.27 0.07
C VAL A 37 3.85 22.38 0.67
N TYR A 38 4.08 22.34 1.98
CA TYR A 38 4.89 23.33 2.68
C TYR A 38 6.13 22.69 3.27
N LYS A 39 7.20 23.50 3.43
CA LYS A 39 8.40 23.12 4.17
C LYS A 39 8.16 23.51 5.61
N ALA A 40 8.06 22.51 6.48
CA ALA A 40 7.53 22.69 7.82
C ALA A 40 8.61 22.37 8.85
N LYS A 41 8.47 22.99 10.03
CA LYS A 41 9.34 22.76 11.17
C LYS A 41 8.45 22.57 12.40
N ARG A 42 8.79 21.56 13.20
CA ARG A 42 8.12 21.32 14.47
C ARG A 42 8.17 22.59 15.32
N LYS A 43 7.07 22.88 16.02
CA LYS A 43 7.02 24.09 16.83
C LYS A 43 7.76 23.87 18.16
N ASP A 44 7.77 22.63 18.67
CA ASP A 44 8.68 22.26 19.75
C ASP A 44 10.11 22.24 19.23
N GLY A 45 11.06 22.49 20.14
CA GLY A 45 12.45 22.47 19.78
C GLY A 45 13.00 21.06 19.67
N LYS A 46 12.11 20.06 19.72
CA LYS A 46 12.53 18.67 19.85
C LYS A 46 13.54 18.29 18.78
N ASP A 47 13.24 18.58 17.51
CA ASP A 47 14.16 18.32 16.41
C ASP A 47 14.18 19.49 15.44
N ASP A 48 15.37 19.75 14.90
CA ASP A 48 15.54 20.79 13.90
C ASP A 48 15.23 20.29 12.49
N LYS A 49 14.81 19.03 12.36
CA LYS A 49 14.68 18.40 11.05
C LYS A 49 13.52 19.03 10.28
N ASP A 50 13.71 19.14 8.96
CA ASP A 50 12.67 19.68 8.09
C ASP A 50 11.68 18.59 7.67
N TYR A 51 10.44 19.00 7.46
CA TYR A 51 9.37 18.11 7.04
C TYR A 51 8.60 18.75 5.89
N ALA A 52 7.91 17.92 5.13
CA ALA A 52 6.99 18.39 4.10
C ALA A 52 5.58 18.15 4.57
N LEU A 53 4.78 19.20 4.61
CA LEU A 53 3.37 19.15 4.95
C LEU A 53 2.60 19.16 3.65
N LYS A 54 1.85 18.10 3.37
CA LYS A 54 0.99 18.09 2.20
C LYS A 54 -0.45 18.14 2.67
N GLN A 55 -1.19 19.15 2.22
CA GLN A 55 -2.63 19.17 2.36
C GLN A 55 -3.25 18.70 1.07
N ILE A 56 -4.00 17.59 1.14
CA ILE A 56 -4.70 17.05 -0.02
C ILE A 56 -5.83 17.98 -0.45
N GLU A 57 -5.99 18.12 -1.77
CA GLU A 57 -6.88 19.13 -2.32
C GLU A 57 -8.34 18.83 -2.01
N GLY A 58 -8.73 17.57 -2.10
CA GLY A 58 -10.13 17.26 -1.90
C GLY A 58 -10.51 17.15 -0.43
N THR A 59 -11.79 17.35 -0.15
CA THR A 59 -12.23 17.00 1.19
C THR A 59 -12.54 15.51 1.25
N GLY A 60 -12.63 14.99 2.47
CA GLY A 60 -12.78 13.57 2.68
C GLY A 60 -11.50 12.79 2.46
N ILE A 61 -11.67 11.49 2.27
CA ILE A 61 -10.55 10.59 2.05
C ILE A 61 -10.79 9.95 0.71
N SER A 62 -9.96 10.35 -0.25
CA SER A 62 -9.91 9.77 -1.58
C SER A 62 -9.52 8.31 -1.49
N MET A 63 -9.75 7.58 -2.56
CA MET A 63 -9.32 6.21 -2.64
C MET A 63 -7.85 6.31 -2.94
N SER A 64 -7.47 7.13 -3.90
CA SER A 64 -6.05 7.35 -4.12
C SER A 64 -5.35 7.68 -2.81
N ALA A 65 -6.02 8.45 -1.94
CA ALA A 65 -5.37 8.84 -0.70
C ALA A 65 -5.33 7.65 0.25
N CYS A 66 -6.39 6.83 0.23
CA CYS A 66 -6.43 5.64 1.07
C CYS A 66 -5.27 4.72 0.75
N ARG A 67 -5.11 4.37 -0.54
CA ARG A 67 -4.11 3.38 -0.89
C ARG A 67 -2.71 3.92 -0.65
N GLU A 68 -2.50 5.22 -0.91
CA GLU A 68 -1.21 5.86 -0.63
C GLU A 68 -0.86 5.81 0.85
N ILE A 69 -1.82 6.20 1.69
CA ILE A 69 -1.60 6.19 3.13
C ILE A 69 -1.33 4.77 3.61
N ALA A 70 -2.10 3.81 3.11
CA ALA A 70 -1.96 2.44 3.57
C ALA A 70 -0.65 1.82 3.10
N LEU A 71 -0.20 2.19 1.89
CA LEU A 71 1.06 1.66 1.40
C LEU A 71 2.22 2.25 2.18
N LEU A 72 2.39 3.58 2.08
CA LEU A 72 3.46 4.30 2.78
C LEU A 72 3.50 3.91 4.26
N ARG A 73 2.37 3.53 4.80
CA ARG A 73 2.32 3.15 6.18
C ARG A 73 2.99 1.85 6.50
N GLU A 74 3.29 1.05 5.50
CA GLU A 74 3.92 -0.25 5.71
C GLU A 74 5.35 -0.33 5.20
N LEU A 75 5.79 0.64 4.43
CA LEU A 75 7.06 0.58 3.74
C LEU A 75 8.16 1.12 4.65
N LYS A 76 9.22 0.32 4.87
CA LYS A 76 10.37 0.78 5.65
C LYS A 76 11.63 0.35 4.92
N HIS A 77 12.20 1.31 4.17
CA HIS A 77 13.42 1.16 3.41
C HIS A 77 14.08 2.52 3.25
N PRO A 78 15.36 2.65 3.60
CA PRO A 78 16.01 3.97 3.58
C PRO A 78 15.88 4.70 2.26
N ASN A 79 15.60 3.99 1.17
CA ASN A 79 15.58 4.54 -0.18
C ASN A 79 14.17 4.65 -0.75
N VAL A 80 13.16 4.62 0.11
CA VAL A 80 11.78 4.92 -0.26
C VAL A 80 11.28 5.96 0.73
N ILE A 81 10.48 6.91 0.22
CA ILE A 81 10.07 8.05 1.03
C ILE A 81 9.34 7.58 2.27
N SER A 82 9.44 8.37 3.34
CA SER A 82 8.90 8.03 4.64
C SER A 82 7.68 8.90 4.96
N LEU A 83 6.59 8.26 5.32
CA LEU A 83 5.40 8.92 5.84
C LEU A 83 5.48 8.90 7.36
N GLN A 84 5.55 10.09 7.96
CA GLN A 84 5.82 10.20 9.39
C GLN A 84 4.53 10.26 10.19
N LYS A 85 3.50 10.95 9.68
CA LYS A 85 2.18 10.89 10.29
C LYS A 85 1.13 11.41 9.31
N VAL A 86 -0.14 11.24 9.68
CA VAL A 86 -1.30 11.73 8.96
C VAL A 86 -2.15 12.54 9.94
N PHE A 87 -2.58 13.73 9.54
CA PHE A 87 -3.42 14.60 10.36
C PHE A 87 -4.76 14.75 9.67
N LEU A 88 -5.84 14.51 10.41
CA LEU A 88 -7.20 14.57 9.88
C LEU A 88 -7.98 15.65 10.62
N SER A 89 -8.38 16.71 9.92
CA SER A 89 -9.23 17.74 10.52
C SER A 89 -10.70 17.33 10.33
N HIS A 90 -11.41 17.12 11.45
CA HIS A 90 -12.77 16.59 11.34
C HIS A 90 -13.76 17.69 10.96
N ALA A 91 -13.46 18.94 11.30
CA ALA A 91 -14.29 20.11 10.99
C ALA A 91 -14.38 20.33 9.48
N ASP A 92 -13.28 20.81 8.90
CA ASP A 92 -13.08 20.79 7.45
C ASP A 92 -12.41 19.48 7.10
N ARG A 93 -13.16 18.51 6.64
CA ARG A 93 -12.55 17.22 6.42
C ARG A 93 -11.40 17.15 5.45
N LYS A 94 -10.29 17.71 5.89
CA LYS A 94 -9.06 17.79 5.10
C LYS A 94 -8.04 16.82 5.70
N VAL A 95 -7.12 16.37 4.85
CA VAL A 95 -6.13 15.38 5.23
C VAL A 95 -4.75 15.95 4.99
N TRP A 96 -3.86 15.76 5.96
CA TRP A 96 -2.51 16.27 5.89
C TRP A 96 -1.54 15.11 5.98
N LEU A 97 -0.59 15.07 5.07
CA LEU A 97 0.45 14.06 5.08
C LEU A 97 1.77 14.75 5.43
N LEU A 98 2.53 14.16 6.36
CA LEU A 98 3.83 14.67 6.76
C LEU A 98 4.90 13.68 6.34
N PHE A 99 5.85 14.16 5.55
CA PHE A 99 7.00 13.38 5.11
C PHE A 99 8.28 14.03 5.61
N ASP A 100 9.35 13.25 5.70
CA ASP A 100 10.67 13.86 5.88
C ASP A 100 11.03 14.61 4.60
N TYR A 101 11.55 15.83 4.75
CA TYR A 101 11.64 16.76 3.63
C TYR A 101 12.91 16.55 2.80
N ALA A 102 12.72 16.37 1.49
CA ALA A 102 13.81 16.20 0.53
C ALA A 102 14.03 17.52 -0.20
N GLU A 103 15.22 18.09 -0.02
CA GLU A 103 15.56 19.37 -0.63
C GLU A 103 15.74 19.27 -2.14
N HIS A 104 16.11 18.09 -2.65
CA HIS A 104 16.51 17.93 -4.03
C HIS A 104 15.78 16.76 -4.67
N ASP A 105 15.95 16.67 -5.99
CA ASP A 105 15.44 15.58 -6.81
C ASP A 105 16.26 15.55 -8.09
N LEU A 106 16.14 14.47 -8.86
CA LEU A 106 16.96 14.29 -10.06
C LEU A 106 16.57 15.24 -11.19
N TRP A 107 15.29 15.60 -11.32
CA TRP A 107 14.91 16.56 -12.35
C TRP A 107 15.67 17.86 -12.17
N HIS A 108 15.63 18.41 -10.94
CA HIS A 108 16.30 19.69 -10.69
C HIS A 108 17.81 19.51 -10.75
N ILE A 109 18.33 18.36 -10.31
CA ILE A 109 19.77 18.17 -10.31
C ILE A 109 20.30 18.05 -11.74
N ILE A 110 19.58 17.33 -12.60
CA ILE A 110 20.02 17.18 -13.99
C ILE A 110 19.89 18.50 -14.73
N LYS A 111 18.78 19.22 -14.47
CA LYS A 111 18.51 20.51 -15.13
C LYS A 111 19.60 21.52 -14.85
N PHE A 112 20.11 21.55 -13.62
CA PHE A 112 21.20 22.45 -13.25
C PHE A 112 22.48 22.09 -14.00
N HIS A 113 22.65 20.83 -14.41
CA HIS A 113 23.83 20.39 -15.15
C HIS A 113 23.73 20.70 -16.63
N ARG A 114 22.74 21.49 -17.03
CA ARG A 114 22.69 22.04 -18.37
C ARG A 114 22.41 23.53 -18.38
N ALA A 115 22.03 24.11 -17.25
CA ALA A 115 21.79 25.56 -17.14
C ALA A 115 23.09 26.36 -17.07
N SER A 116 24.23 25.72 -16.84
CA SER A 116 25.50 26.41 -16.69
C SER A 116 26.26 26.43 -18.02
N LYS A 117 25.96 27.45 -18.84
CA LYS A 117 26.80 27.87 -19.96
C LYS A 117 26.40 29.27 -20.45
N LYS A 121 25.83 24.07 -23.38
CA LYS A 121 26.53 22.79 -23.37
C LYS A 121 26.52 22.16 -21.97
N PRO A 122 26.33 20.85 -21.91
CA PRO A 122 26.20 20.19 -20.61
C PRO A 122 27.55 19.88 -19.98
N VAL A 123 27.57 19.90 -18.64
CA VAL A 123 28.72 19.46 -17.84
C VAL A 123 28.39 18.08 -17.29
N GLN A 124 29.27 17.11 -17.54
CA GLN A 124 29.01 15.72 -17.17
C GLN A 124 28.88 15.59 -15.66
N LEU A 125 28.00 14.70 -15.23
CA LEU A 125 27.80 14.51 -13.80
C LEU A 125 28.96 13.69 -13.24
N PRO A 126 29.33 13.89 -11.97
CA PRO A 126 30.40 13.09 -11.37
C PRO A 126 30.06 11.60 -11.45
N ARG A 127 30.98 10.83 -12.05
CA ARG A 127 30.75 9.40 -12.26
C ARG A 127 30.36 8.72 -10.96
N GLY A 128 31.02 9.08 -9.85
CA GLY A 128 30.69 8.48 -8.57
C GLY A 128 29.26 8.76 -8.14
N MET A 129 28.79 9.99 -8.37
CA MET A 129 27.41 10.32 -8.07
C MET A 129 26.45 9.48 -8.91
N VAL A 130 26.82 9.20 -10.17
CA VAL A 130 25.91 8.47 -11.04
C VAL A 130 25.75 7.04 -10.56
N LYS A 131 26.87 6.34 -10.35
CA LYS A 131 26.87 5.03 -9.70
C LYS A 131 26.02 5.03 -8.44
N SER A 132 26.28 5.95 -7.51
CA SER A 132 25.53 5.91 -6.26
C SER A 132 24.05 6.21 -6.48
N LEU A 133 23.74 7.18 -7.35
CA LEU A 133 22.34 7.43 -7.66
C LEU A 133 21.64 6.17 -8.15
N LEU A 134 22.22 5.50 -9.16
CA LEU A 134 21.61 4.28 -9.67
C LEU A 134 21.52 3.21 -8.57
N TYR A 135 22.57 3.06 -7.76
CA TYR A 135 22.55 1.99 -6.77
C TYR A 135 21.39 2.16 -5.80
N GLN A 136 21.23 3.37 -5.24
CA GLN A 136 20.12 3.62 -4.33
C GLN A 136 18.78 3.50 -5.03
N ILE A 137 18.71 3.85 -6.31
CA ILE A 137 17.45 3.65 -7.02
C ILE A 137 17.19 2.16 -7.19
N LEU A 138 18.23 1.35 -7.35
CA LEU A 138 18.01 -0.09 -7.51
C LEU A 138 17.67 -0.75 -6.19
N ASP A 139 18.22 -0.25 -5.09
CA ASP A 139 17.86 -0.75 -3.77
C ASP A 139 16.40 -0.46 -3.42
N GLY A 140 15.92 0.74 -3.80
CA GLY A 140 14.59 1.13 -3.43
C GLY A 140 13.54 0.41 -4.23
N ILE A 141 13.80 0.23 -5.53
CA ILE A 141 12.80 -0.40 -6.38
C ILE A 141 12.75 -1.88 -6.12
N HIS A 142 13.87 -2.44 -5.73
CA HIS A 142 13.95 -3.83 -5.40
C HIS A 142 13.13 -4.05 -4.17
N TYR A 143 13.40 -3.32 -3.12
CA TYR A 143 12.57 -3.41 -1.93
C TYR A 143 11.09 -3.40 -2.29
N LEU A 144 10.66 -2.37 -3.03
CA LEU A 144 9.26 -2.28 -3.43
C LEU A 144 8.83 -3.53 -4.18
N HIS A 145 9.55 -3.86 -5.25
CA HIS A 145 9.19 -5.02 -6.04
C HIS A 145 9.14 -6.29 -5.21
N ALA A 146 9.93 -6.37 -4.14
CA ALA A 146 9.93 -7.59 -3.35
C ALA A 146 8.75 -7.64 -2.42
N ASN A 147 8.06 -6.51 -2.25
CA ASN A 147 6.79 -6.43 -1.55
C ASN A 147 5.63 -6.38 -2.53
N TRP A 148 5.89 -6.77 -3.78
CA TRP A 148 4.88 -6.82 -4.84
C TRP A 148 4.26 -5.44 -5.10
N VAL A 149 5.06 -4.40 -4.92
CA VAL A 149 4.64 -3.01 -5.11
C VAL A 149 5.30 -2.48 -6.39
N LEU A 150 4.46 -2.08 -7.35
CA LEU A 150 4.94 -1.59 -8.64
C LEU A 150 4.82 -0.08 -8.61
N HIS A 151 5.83 0.63 -9.12
CA HIS A 151 5.81 2.08 -9.03
C HIS A 151 4.99 2.70 -10.14
N ARG A 152 5.26 2.31 -11.40
CA ARG A 152 4.40 2.59 -12.55
C ARG A 152 4.56 4.00 -13.08
N ASP A 153 5.61 4.73 -12.70
CA ASP A 153 5.78 6.10 -13.14
C ASP A 153 7.12 6.64 -12.79
N LEU A 154 8.10 5.78 -12.82
CA LEU A 154 9.50 6.11 -12.57
C LEU A 154 10.02 7.11 -13.60
N LYS A 155 10.57 8.22 -13.12
CA LYS A 155 11.11 9.32 -13.90
C LYS A 155 11.90 10.21 -12.97
N PRO A 156 12.90 10.95 -13.47
CA PRO A 156 13.75 11.78 -12.58
C PRO A 156 12.99 12.65 -11.57
N ALA A 157 11.86 13.24 -11.94
CA ALA A 157 11.16 14.09 -10.97
C ALA A 157 10.70 13.31 -9.74
N ASN A 158 10.49 11.98 -9.87
CA ASN A 158 10.10 11.12 -8.75
C ASN A 158 11.28 10.71 -7.87
N ILE A 159 12.53 10.83 -8.31
CA ILE A 159 13.69 10.47 -7.49
C ILE A 159 14.09 11.67 -6.64
N LEU A 160 13.89 11.60 -5.34
CA LEU A 160 14.30 12.69 -4.45
C LEU A 160 15.69 12.43 -3.90
N VAL A 161 16.39 13.50 -3.55
CA VAL A 161 17.68 13.40 -2.90
C VAL A 161 17.66 14.23 -1.63
N MET A 162 18.06 13.62 -0.52
CA MET A 162 18.09 14.29 0.76
C MET A 162 19.24 15.29 0.76
N GLY A 163 19.02 16.43 1.42
CA GLY A 163 20.00 17.52 1.46
C GLY A 163 20.86 17.47 2.70
N GLU A 164 21.06 18.61 3.31
CA GLU A 164 21.84 18.72 4.54
C GLU A 164 21.12 18.06 5.70
N GLY A 165 21.83 17.30 6.49
CA GLY A 165 21.21 16.58 7.58
C GLY A 165 21.75 15.17 7.75
N PRO A 166 21.05 14.32 8.50
CA PRO A 166 21.61 13.00 8.83
C PRO A 166 21.43 11.96 7.74
N GLU A 167 20.70 12.28 6.68
CA GLU A 167 20.57 11.40 5.51
C GLU A 167 21.13 12.10 4.28
N ARG A 168 22.22 12.83 4.48
CA ARG A 168 22.81 13.66 3.42
C ARG A 168 23.05 12.85 2.16
N GLY A 169 22.36 13.22 1.09
CA GLY A 169 22.68 12.65 -0.20
C GLY A 169 22.13 11.27 -0.41
N ARG A 170 21.01 10.95 0.21
CA ARG A 170 20.41 9.63 0.10
C ARG A 170 19.19 9.69 -0.80
N VAL A 171 19.14 8.78 -1.77
CA VAL A 171 18.02 8.74 -2.67
C VAL A 171 16.77 8.31 -1.92
N LYS A 172 15.65 8.96 -2.22
CA LYS A 172 14.37 8.56 -1.68
C LYS A 172 13.42 8.44 -2.85
N ILE A 173 12.82 7.28 -3.05
CA ILE A 173 11.93 7.07 -4.20
C ILE A 173 10.52 7.46 -3.78
N ALA A 174 9.86 8.30 -4.59
CA ALA A 174 8.50 8.69 -4.27
C ALA A 174 7.59 8.52 -5.48
N ASP A 175 6.32 8.89 -5.28
CA ASP A 175 5.29 8.93 -6.32
C ASP A 175 4.39 10.11 -6.03
N MET A 176 4.73 11.26 -6.59
CA MET A 176 3.97 12.48 -6.34
C MET A 176 2.75 12.63 -7.21
N GLY A 177 2.53 11.72 -8.16
CA GLY A 177 1.32 11.68 -8.95
C GLY A 177 0.67 10.33 -8.85
N PHE A 178 0.61 9.80 -7.62
CA PHE A 178 -0.02 8.51 -7.35
C PHE A 178 -1.52 8.53 -7.66
N ALA A 179 -2.18 9.68 -7.50
CA ALA A 179 -3.60 9.78 -7.85
C ALA A 179 -3.85 9.59 -9.35
N ARG A 180 -2.92 10.02 -10.22
CA ARG A 180 -2.97 9.76 -11.66
C ARG A 180 -3.35 8.31 -11.98
N LEU A 181 -2.41 7.38 -11.82
CA LEU A 181 -2.69 5.94 -11.92
C LEU A 181 -3.41 5.30 -10.73
N THR A 198 4.64 13.49 -21.65
CA THR A 198 5.95 12.86 -21.85
C THR A 198 5.89 11.36 -21.57
N PHE A 199 6.29 10.59 -22.58
CA PHE A 199 6.34 9.13 -22.47
C PHE A 199 7.78 8.67 -22.55
N TRP A 200 8.70 9.55 -22.13
CA TRP A 200 10.14 9.36 -22.30
C TRP A 200 10.68 8.16 -21.55
N TYR A 201 9.98 7.73 -20.50
CA TYR A 201 10.43 6.66 -19.64
C TYR A 201 9.53 5.44 -19.75
N ARG A 202 8.52 5.49 -20.61
CA ARG A 202 7.57 4.40 -20.74
C ARG A 202 8.13 3.26 -21.58
N ALA A 203 8.08 2.04 -21.06
CA ALA A 203 8.61 0.86 -21.74
C ALA A 203 7.88 0.60 -23.05
N PRO A 204 8.58 0.02 -24.03
CA PRO A 204 7.98 -0.23 -25.36
C PRO A 204 6.66 -1.01 -25.34
N GLU A 205 6.54 -2.03 -24.48
CA GLU A 205 5.32 -2.83 -24.45
C GLU A 205 4.09 -1.99 -24.07
N LEU A 206 4.28 -0.99 -23.20
CA LEU A 206 3.20 -0.05 -22.92
C LEU A 206 2.77 0.71 -24.18
N LEU A 207 3.74 1.11 -24.99
CA LEU A 207 3.44 1.80 -26.24
C LEU A 207 2.83 0.85 -27.28
N LEU A 208 3.01 -0.45 -27.14
CA LEU A 208 2.41 -1.44 -28.04
C LEU A 208 1.14 -2.04 -27.45
N GLY A 209 0.57 -1.40 -26.42
CA GLY A 209 -0.75 -1.71 -25.93
C GLY A 209 -0.86 -2.61 -24.72
N ALA A 210 0.24 -2.88 -24.01
CA ALA A 210 0.17 -3.80 -22.88
C ALA A 210 -0.82 -3.31 -21.84
N ARG A 211 -1.51 -4.25 -21.22
CA ARG A 211 -2.66 -3.96 -20.38
C ARG A 211 -2.43 -4.21 -18.92
N HIS A 212 -1.24 -4.63 -18.55
CA HIS A 212 -0.88 -4.90 -17.17
C HIS A 212 0.47 -4.27 -16.95
N TYR A 213 0.64 -3.64 -15.79
CA TYR A 213 1.92 -3.12 -15.41
C TYR A 213 2.80 -4.25 -14.85
N THR A 214 4.11 -4.12 -15.04
CA THR A 214 5.07 -5.17 -14.72
C THR A 214 6.21 -4.61 -13.90
N LYS A 215 6.85 -5.50 -13.12
CA LYS A 215 8.19 -5.21 -12.61
C LYS A 215 9.12 -4.78 -13.74
N ALA A 216 9.01 -5.40 -14.91
CA ALA A 216 9.97 -5.12 -15.95
C ALA A 216 9.83 -3.68 -16.47
N ILE A 217 8.60 -3.13 -16.49
CA ILE A 217 8.38 -1.78 -17.00
C ILE A 217 9.14 -0.77 -16.15
N ASP A 218 9.10 -0.96 -14.82
CA ASP A 218 9.92 -0.19 -13.90
C ASP A 218 11.40 -0.27 -14.26
N ILE A 219 11.91 -1.47 -14.55
CA ILE A 219 13.33 -1.59 -14.85
C ILE A 219 13.69 -0.77 -16.09
N TRP A 220 12.81 -0.77 -17.10
CA TRP A 220 13.06 0.05 -18.28
C TRP A 220 13.19 1.51 -17.92
N ALA A 221 12.34 2.00 -17.00
CA ALA A 221 12.40 3.42 -16.66
C ALA A 221 13.66 3.74 -15.88
N ILE A 222 14.14 2.76 -15.10
CA ILE A 222 15.41 2.91 -14.38
C ILE A 222 16.54 3.10 -15.36
N GLY A 223 16.52 2.37 -16.49
CA GLY A 223 17.58 2.52 -17.48
C GLY A 223 17.53 3.87 -18.18
N CYS A 224 16.32 4.32 -18.53
CA CYS A 224 16.16 5.66 -19.05
C CYS A 224 16.79 6.68 -18.12
N ILE A 225 16.46 6.60 -16.82
CA ILE A 225 17.10 7.48 -15.87
C ILE A 225 18.61 7.29 -15.91
N PHE A 226 19.07 6.04 -15.99
CA PHE A 226 20.50 5.79 -16.00
C PHE A 226 21.18 6.45 -17.19
N ALA A 227 20.61 6.31 -18.39
CA ALA A 227 21.24 6.93 -19.55
C ALA A 227 21.30 8.43 -19.37
N GLU A 228 20.25 9.02 -18.79
CA GLU A 228 20.19 10.46 -18.58
C GLU A 228 21.27 10.91 -17.62
N LEU A 229 21.56 10.12 -16.60
CA LEU A 229 22.62 10.48 -15.67
C LEU A 229 23.98 10.46 -16.38
N LEU A 230 24.16 9.54 -17.32
CA LEU A 230 25.44 9.41 -17.98
C LEU A 230 25.62 10.46 -19.04
N THR A 231 24.55 10.80 -19.77
CA THR A 231 24.65 11.69 -20.91
C THR A 231 24.05 13.06 -20.63
N SER A 232 23.28 13.20 -19.55
CA SER A 232 22.63 14.43 -19.09
C SER A 232 21.49 14.85 -20.03
N GLU A 233 21.16 14.04 -21.02
CA GLU A 233 20.04 14.25 -21.92
C GLU A 233 19.04 13.12 -21.70
N PRO A 234 17.77 13.34 -22.03
CA PRO A 234 16.80 12.24 -21.91
C PRO A 234 16.85 11.37 -23.16
N ILE A 235 17.27 10.11 -23.00
CA ILE A 235 17.64 9.25 -24.13
C ILE A 235 16.52 9.15 -25.15
N PHE A 236 15.27 9.10 -24.69
CA PHE A 236 14.13 8.86 -25.55
C PHE A 236 13.25 10.10 -25.70
N HIS A 237 13.86 11.28 -25.58
CA HIS A 237 13.13 12.56 -25.59
C HIS A 237 12.46 12.84 -26.93
N CYS A 238 11.24 13.37 -26.89
CA CYS A 238 10.37 13.39 -28.05
C CYS A 238 9.40 14.56 -27.92
N ARG A 239 9.03 15.17 -29.05
CA ARG A 239 8.09 16.29 -29.06
C ARG A 239 6.71 15.85 -28.59
N GLN A 240 5.73 16.76 -28.60
CA GLN A 240 4.40 16.39 -28.08
C GLN A 240 3.33 16.30 -29.17
N ASN A 247 -4.65 7.59 -26.89
CA ASN A 247 -4.41 6.22 -27.39
C ASN A 247 -3.28 5.62 -26.55
N PRO A 248 -3.37 4.33 -26.20
CA PRO A 248 -2.17 3.63 -25.68
C PRO A 248 -0.96 3.76 -26.59
N TYR A 249 -1.18 3.78 -27.92
CA TYR A 249 -0.12 3.74 -28.91
C TYR A 249 0.34 5.14 -29.26
N HIS A 250 1.63 5.43 -29.10
CA HIS A 250 2.19 6.75 -29.43
C HIS A 250 3.32 6.58 -30.43
N HIS A 251 2.95 6.74 -31.70
CA HIS A 251 3.86 6.43 -32.80
C HIS A 251 5.18 7.20 -32.67
N ASP A 252 5.10 8.50 -32.43
CA ASP A 252 6.31 9.32 -32.42
C ASP A 252 7.26 8.93 -31.30
N GLN A 253 6.73 8.48 -30.16
CA GLN A 253 7.59 8.00 -29.09
C GLN A 253 8.27 6.69 -29.46
N LEU A 254 7.56 5.81 -30.16
CA LEU A 254 8.19 4.58 -30.62
C LEU A 254 9.31 4.89 -31.59
N ASP A 255 9.13 5.92 -32.41
CA ASP A 255 10.12 6.28 -33.41
C ASP A 255 11.40 6.78 -32.75
N ARG A 256 11.29 7.37 -31.55
CA ARG A 256 12.50 7.76 -30.84
C ARG A 256 13.20 6.55 -30.26
N ILE A 257 12.44 5.60 -29.72
CA ILE A 257 13.09 4.39 -29.23
C ILE A 257 13.82 3.69 -30.35
N PHE A 258 13.16 3.51 -31.51
CA PHE A 258 13.83 2.84 -32.61
C PHE A 258 15.03 3.66 -33.10
N ASN A 259 14.91 4.98 -33.09
CA ASN A 259 16.01 5.77 -33.60
C ASN A 259 17.24 5.60 -32.73
N VAL A 260 17.03 5.46 -31.42
CA VAL A 260 18.14 5.25 -30.50
C VAL A 260 18.57 3.79 -30.50
N MET A 261 17.62 2.87 -30.28
CA MET A 261 17.92 1.47 -30.02
C MET A 261 18.10 0.68 -31.31
N GLY A 262 17.51 1.15 -32.39
CA GLY A 262 17.33 0.26 -33.53
C GLY A 262 15.99 -0.43 -33.45
N PHE A 263 15.59 -1.00 -34.56
CA PHE A 263 14.36 -1.79 -34.60
C PHE A 263 14.67 -3.20 -34.12
N PRO A 264 13.76 -3.82 -33.36
CA PRO A 264 14.05 -5.14 -32.79
C PRO A 264 13.86 -6.22 -33.82
N ALA A 265 14.75 -7.21 -33.79
CA ALA A 265 14.58 -8.38 -34.64
C ALA A 265 13.58 -9.35 -34.01
N ASP A 266 13.15 -10.34 -34.80
CA ASP A 266 12.21 -11.33 -34.27
C ASP A 266 12.85 -12.13 -33.14
N LYS A 267 14.15 -12.44 -33.27
CA LYS A 267 14.90 -13.10 -32.22
C LYS A 267 15.01 -12.24 -30.97
N ASP A 268 15.05 -10.90 -31.13
CA ASP A 268 15.26 -10.01 -29.99
C ASP A 268 14.02 -9.88 -29.13
N TRP A 269 12.84 -10.01 -29.73
CA TRP A 269 11.57 -9.87 -29.00
C TRP A 269 10.58 -10.76 -29.72
N GLU A 270 10.61 -12.06 -29.42
CA GLU A 270 9.84 -13.03 -30.20
C GLU A 270 8.34 -12.83 -30.00
N ASP A 271 7.92 -12.45 -28.79
CA ASP A 271 6.49 -12.32 -28.50
C ASP A 271 5.94 -10.94 -28.83
N ILE A 272 6.73 -10.09 -29.51
CA ILE A 272 6.25 -8.78 -29.89
C ILE A 272 5.02 -8.93 -30.79
N LYS A 273 4.98 -10.02 -31.59
CA LYS A 273 3.83 -10.34 -32.43
C LYS A 273 2.57 -10.45 -31.61
N LYS A 274 2.71 -10.82 -30.34
CA LYS A 274 1.55 -11.02 -29.50
C LYS A 274 0.98 -9.70 -29.01
N MET A 275 1.62 -8.57 -29.28
CA MET A 275 1.11 -7.32 -28.74
C MET A 275 -0.18 -6.89 -29.45
N PRO A 276 -1.06 -6.21 -28.71
CA PRO A 276 -2.28 -5.65 -29.32
C PRO A 276 -2.02 -4.69 -30.45
N GLU A 277 -0.95 -3.90 -30.40
CA GLU A 277 -0.70 -2.91 -31.43
C GLU A 277 0.36 -3.36 -32.45
N HIS A 278 0.64 -4.66 -32.56
CA HIS A 278 1.68 -5.10 -33.48
C HIS A 278 1.29 -4.81 -34.93
N SER A 279 -0.01 -4.91 -35.24
CA SER A 279 -0.51 -4.61 -36.56
C SER A 279 -0.32 -3.14 -36.91
N THR A 280 -0.57 -2.25 -35.95
CA THR A 280 -0.32 -0.83 -36.16
C THR A 280 1.18 -0.58 -36.34
N LEU A 281 2.01 -1.26 -35.54
CA LEU A 281 3.45 -1.13 -35.69
C LEU A 281 3.88 -1.61 -37.07
N MET A 282 3.32 -2.72 -37.52
CA MET A 282 3.62 -3.22 -38.87
C MET A 282 3.18 -2.23 -39.93
N LYS A 283 2.04 -1.58 -39.73
CA LYS A 283 1.51 -0.67 -40.76
C LYS A 283 2.26 0.67 -40.75
N ASP A 284 2.71 1.12 -39.57
CA ASP A 284 3.30 2.46 -39.46
C ASP A 284 4.81 2.49 -39.59
N PHE A 285 5.49 1.34 -39.46
CA PHE A 285 6.95 1.30 -39.52
C PHE A 285 7.43 0.22 -40.49
N ARG A 286 8.61 0.47 -41.02
CA ARG A 286 9.30 -0.39 -41.95
C ARG A 286 10.63 -0.47 -41.27
N ARG A 287 10.99 -1.62 -40.76
CA ARG A 287 12.22 -1.76 -40.04
C ARG A 287 13.49 -1.29 -40.70
N ASN A 288 13.52 -1.24 -42.02
CA ASN A 288 14.73 -0.83 -42.76
C ASN A 288 15.20 0.58 -42.40
N THR A 289 14.31 1.39 -41.79
CA THR A 289 14.65 2.77 -41.49
C THR A 289 15.75 2.88 -40.48
N TYR A 290 15.88 1.92 -39.57
CA TYR A 290 16.76 2.01 -38.42
C TYR A 290 17.97 1.10 -38.56
N THR A 291 18.47 0.98 -39.78
CA THR A 291 19.59 0.08 -40.06
C THR A 291 20.86 0.51 -39.34
N ASN A 292 21.16 1.80 -39.31
CA ASN A 292 22.37 2.27 -38.66
C ASN A 292 22.13 2.65 -37.21
N CYS A 293 20.96 2.28 -36.65
CA CYS A 293 20.56 2.70 -35.31
C CYS A 293 20.92 1.64 -34.28
N SER A 294 21.55 2.06 -33.19
CA SER A 294 21.81 1.14 -32.09
C SER A 294 22.23 1.94 -30.87
N LEU A 295 22.07 1.30 -29.69
CA LEU A 295 22.49 1.89 -28.42
C LEU A 295 23.98 2.15 -28.40
N ILE A 296 24.77 1.21 -28.92
CA ILE A 296 26.21 1.45 -29.04
C ILE A 296 26.45 2.76 -29.78
N LYS A 297 25.83 2.90 -30.93
CA LYS A 297 25.99 4.07 -31.77
C LYS A 297 25.53 5.34 -31.13
N TYR A 298 24.43 5.30 -30.40
CA TYR A 298 23.98 6.46 -29.64
C TYR A 298 24.93 6.77 -28.48
N MET A 299 25.26 5.75 -27.69
CA MET A 299 26.04 6.01 -26.49
C MET A 299 27.45 6.43 -26.86
N GLU A 300 27.91 6.10 -28.06
CA GLU A 300 29.22 6.53 -28.51
C GLU A 300 29.25 8.04 -28.70
N LYS A 301 28.17 8.63 -29.23
CA LYS A 301 28.18 10.06 -29.48
C LYS A 301 28.21 10.86 -28.18
N HIS A 302 27.81 10.27 -27.05
CA HIS A 302 27.78 10.97 -25.79
C HIS A 302 28.88 10.51 -24.87
N LYS A 303 30.04 10.18 -25.43
CA LYS A 303 31.28 9.94 -24.70
C LYS A 303 31.22 8.73 -23.76
N VAL A 304 30.20 7.91 -23.87
CA VAL A 304 30.12 6.71 -23.04
C VAL A 304 30.77 5.66 -23.91
N LYS A 305 31.78 4.98 -23.44
CA LYS A 305 32.49 4.03 -24.26
C LYS A 305 31.80 2.66 -24.24
N PRO A 306 31.78 1.96 -25.38
CA PRO A 306 31.03 0.70 -25.47
C PRO A 306 31.66 -0.47 -24.73
N ASP A 307 32.85 -0.33 -24.23
CA ASP A 307 33.44 -1.42 -23.51
C ASP A 307 33.34 -1.20 -22.02
N SER A 308 32.66 -0.16 -21.60
CA SER A 308 32.61 0.08 -20.17
C SER A 308 31.70 -0.92 -19.48
N LYS A 309 31.88 -1.02 -18.16
CA LYS A 309 30.95 -1.79 -17.34
C LYS A 309 29.61 -1.10 -17.26
N ALA A 310 29.61 0.23 -17.24
CA ALA A 310 28.38 1.01 -17.17
C ALA A 310 27.50 0.83 -18.41
N PHE A 311 28.10 0.78 -19.60
CA PHE A 311 27.28 0.64 -20.80
C PHE A 311 26.62 -0.72 -20.84
N HIS A 312 27.36 -1.77 -20.45
CA HIS A 312 26.81 -3.10 -20.54
C HIS A 312 25.59 -3.26 -19.64
N LEU A 313 25.72 -2.85 -18.39
CA LEU A 313 24.58 -2.88 -17.47
C LEU A 313 23.38 -2.17 -18.07
N LEU A 314 23.59 -0.95 -18.60
CA LEU A 314 22.47 -0.16 -19.09
C LEU A 314 21.79 -0.85 -20.25
N GLN A 315 22.60 -1.42 -21.16
CA GLN A 315 22.10 -2.34 -22.18
C GLN A 315 21.26 -3.45 -21.57
N LYS A 316 21.62 -3.93 -20.38
CA LYS A 316 20.80 -4.95 -19.76
C LYS A 316 19.50 -4.35 -19.23
N LEU A 317 19.55 -3.13 -18.70
CA LEU A 317 18.31 -2.47 -18.31
C LEU A 317 17.49 -2.11 -19.54
N LEU A 318 18.15 -1.60 -20.59
CA LEU A 318 17.47 -1.14 -21.80
C LEU A 318 17.47 -2.30 -22.78
N THR A 319 16.52 -3.20 -22.58
CA THR A 319 16.27 -4.35 -23.46
C THR A 319 14.84 -4.24 -23.90
N MET A 320 14.62 -4.36 -25.22
CA MET A 320 13.29 -4.27 -25.79
C MET A 320 12.36 -5.35 -25.25
N ASP A 321 12.70 -6.63 -25.42
CA ASP A 321 11.86 -7.70 -24.86
C ASP A 321 11.85 -7.65 -23.33
N PRO A 322 10.68 -7.43 -22.70
CA PRO A 322 10.63 -7.28 -21.22
C PRO A 322 11.12 -8.49 -20.44
N ILE A 323 10.88 -9.72 -20.92
CA ILE A 323 11.36 -10.86 -20.16
C ILE A 323 12.83 -11.18 -20.40
N LYS A 324 13.50 -10.42 -21.28
CA LYS A 324 14.95 -10.44 -21.44
C LYS A 324 15.60 -9.32 -20.66
N ARG A 325 14.82 -8.54 -19.91
CA ARG A 325 15.26 -7.38 -19.14
C ARG A 325 15.63 -7.85 -17.75
N ILE A 326 16.83 -7.51 -17.27
CA ILE A 326 17.25 -8.04 -16.00
C ILE A 326 16.51 -7.36 -14.86
N THR A 327 16.48 -8.04 -13.71
CA THR A 327 15.80 -7.58 -12.51
C THR A 327 16.68 -6.65 -11.68
N SER A 328 16.01 -5.89 -10.80
CA SER A 328 16.66 -4.96 -9.89
C SER A 328 17.70 -5.64 -9.01
N GLU A 329 17.40 -6.85 -8.54
CA GLU A 329 18.35 -7.54 -7.66
C GLU A 329 19.61 -7.91 -8.43
N GLN A 330 19.44 -8.39 -9.66
CA GLN A 330 20.60 -8.75 -10.48
C GLN A 330 21.43 -7.52 -10.81
N ALA A 331 20.78 -6.38 -11.09
CA ALA A 331 21.54 -5.18 -11.44
C ALA A 331 22.39 -4.73 -10.27
N MET A 332 21.86 -4.78 -9.05
CA MET A 332 22.68 -4.48 -7.89
C MET A 332 23.90 -5.38 -7.84
N GLN A 333 23.77 -6.59 -8.37
CA GLN A 333 24.85 -7.54 -8.35
C GLN A 333 25.85 -7.32 -9.46
N ASP A 334 25.71 -6.23 -10.20
CA ASP A 334 26.56 -6.01 -11.36
C ASP A 334 28.02 -5.67 -10.97
N PRO A 335 28.99 -6.06 -11.81
CA PRO A 335 30.40 -5.68 -11.56
C PRO A 335 30.64 -4.20 -11.63
N TYR A 336 29.75 -3.46 -12.31
CA TYR A 336 29.81 -2.02 -12.36
C TYR A 336 29.97 -1.44 -10.96
N PHE A 337 29.17 -1.92 -9.99
CA PHE A 337 29.27 -1.37 -8.64
C PHE A 337 30.47 -1.91 -7.87
N LEU A 338 31.10 -2.94 -8.39
CA LEU A 338 32.35 -3.44 -7.87
C LEU A 338 33.56 -2.75 -8.48
N GLU A 339 33.37 -2.05 -9.60
CA GLU A 339 34.46 -1.31 -10.19
C GLU A 339 34.72 -0.08 -9.36
N ASP A 340 35.69 0.69 -9.77
CA ASP A 340 36.04 1.88 -9.04
C ASP A 340 35.42 3.06 -9.78
N PRO A 341 34.95 4.07 -9.05
CA PRO A 341 34.70 4.25 -7.63
C PRO A 341 33.51 3.48 -7.16
N LEU A 342 33.41 3.34 -5.86
CA LEU A 342 32.35 2.57 -5.27
C LEU A 342 31.28 3.44 -4.73
N PRO A 343 30.08 2.93 -4.73
CA PRO A 343 28.90 3.65 -4.32
C PRO A 343 28.97 4.04 -2.91
N THR A 344 28.54 5.25 -2.62
CA THR A 344 28.51 5.76 -1.26
C THR A 344 27.07 6.00 -0.82
N SER A 345 26.85 5.85 0.48
CA SER A 345 25.53 6.10 1.06
C SER A 345 25.08 7.51 0.72
N ASP A 346 26.02 8.45 0.69
CA ASP A 346 25.77 9.83 0.29
C ASP A 346 26.19 9.98 -1.16
N VAL A 347 25.23 10.26 -2.04
CA VAL A 347 25.57 10.35 -3.46
C VAL A 347 26.48 11.55 -3.72
N PHE A 348 26.60 12.47 -2.76
CA PHE A 348 27.40 13.68 -2.91
C PHE A 348 28.82 13.52 -2.36
N ALA A 349 29.26 12.28 -2.10
CA ALA A 349 30.62 11.99 -1.63
C ALA A 349 30.80 12.76 -0.33
N GLY A 350 31.75 13.69 -0.23
CA GLY A 350 31.75 14.61 0.92
C GLY A 350 31.66 16.08 0.52
N CYS A 351 31.41 16.31 -0.78
CA CYS A 351 31.58 17.61 -1.40
C CYS A 351 30.36 18.50 -1.21
N GLN A 352 30.51 19.77 -1.60
CA GLN A 352 29.47 20.77 -1.37
C GLN A 352 28.35 20.62 -2.40
N ILE A 353 27.12 20.82 -1.95
CA ILE A 353 25.92 20.63 -2.77
C ILE A 353 25.65 21.94 -3.48
N PRO A 354 25.87 22.03 -4.79
CA PRO A 354 25.71 23.31 -5.50
C PRO A 354 24.32 23.55 -6.03
N TYR A 355 23.47 22.55 -5.98
CA TYR A 355 22.12 22.68 -6.52
C TYR A 355 21.31 23.59 -5.61
N PRO A 356 20.53 24.52 -6.17
CA PRO A 356 19.73 25.44 -5.35
C PRO A 356 18.64 24.71 -4.61
N LYS A 357 18.29 25.26 -3.45
CA LYS A 357 17.21 24.75 -2.63
C LYS A 357 15.86 25.19 -3.22
N ARG A 358 14.79 24.63 -2.67
CA ARG A 358 13.46 24.87 -3.20
C ARG A 358 12.96 26.27 -2.85
N GLU A 359 12.31 26.92 -3.82
CA GLU A 359 11.81 28.25 -3.63
C GLU A 359 10.37 28.21 -3.09
N PHE A 360 10.01 29.21 -2.29
CA PHE A 360 8.65 29.32 -1.79
C PHE A 360 7.77 30.05 -2.79
N LEU A 361 6.47 29.92 -2.60
CA LEU A 361 5.51 30.59 -3.46
C LEU A 361 4.73 31.66 -2.68
N LYS B 1 -1.73 -7.79 -3.86
CA LYS B 1 -0.55 -8.60 -3.61
C LYS B 1 0.43 -7.80 -2.75
N ALA B 2 0.18 -6.50 -2.57
CA ALA B 2 1.17 -5.62 -1.97
C ALA B 2 1.40 -5.96 -0.50
N MET B 3 2.68 -5.99 -0.12
CA MET B 3 3.14 -6.24 1.26
C MET B 3 2.79 -7.65 1.74
N ALA B 4 2.58 -8.56 0.79
CA ALA B 4 2.09 -9.90 1.09
C ALA B 4 3.02 -10.66 2.03
N GLY B 5 4.33 -10.43 1.95
CA GLY B 5 5.24 -11.21 2.75
C GLY B 5 6.02 -10.36 3.73
N ASN B 6 5.42 -9.24 4.15
CA ASN B 6 6.06 -8.33 5.08
C ASN B 6 5.46 -8.42 6.49
N PHE B 7 4.65 -9.45 6.76
CA PHE B 7 3.89 -9.42 8.00
C PHE B 7 4.79 -9.31 9.24
N TRP B 8 6.00 -9.88 9.21
CA TRP B 8 6.79 -9.81 10.45
C TRP B 8 7.25 -8.40 10.75
N GLN B 9 7.14 -7.50 9.78
CA GLN B 9 7.54 -6.09 9.89
C GLN B 9 6.33 -5.16 9.78
N SER B 10 5.12 -5.69 9.64
CA SER B 10 3.93 -4.89 9.37
C SER B 10 3.46 -4.15 10.63
N SER B 11 2.61 -3.14 10.43
CA SER B 11 1.98 -2.50 11.59
C SER B 11 0.97 -3.43 12.21
N HIS B 12 0.35 -4.25 11.37
CA HIS B 12 -0.49 -5.31 11.88
C HIS B 12 0.21 -6.04 13.01
N TYR B 13 1.36 -6.65 12.73
CA TYR B 13 2.08 -7.36 13.78
C TYR B 13 2.65 -6.42 14.83
N LEU B 14 3.12 -5.25 14.41
CA LEU B 14 3.89 -4.37 15.30
C LEU B 14 2.98 -3.50 16.16
N GLN B 15 1.69 -3.43 15.84
CA GLN B 15 0.80 -2.57 16.59
C GLN B 15 -0.58 -3.15 16.79
N TRP B 16 -0.87 -4.33 16.29
CA TRP B 16 -2.23 -4.82 16.46
C TRP B 16 -2.33 -6.27 16.90
N ILE B 17 -1.23 -6.93 17.26
CA ILE B 17 -1.30 -8.20 18.00
C ILE B 17 -1.30 -7.80 19.48
N LEU B 18 -2.50 -7.65 20.05
CA LEU B 18 -2.64 -7.15 21.41
C LEU B 18 -2.52 -8.30 22.41
N ASP B 19 -2.24 -7.92 23.65
CA ASP B 19 -2.20 -8.88 24.74
C ASP B 19 -3.60 -9.07 25.32
N LYS B 20 -3.99 -10.35 25.44
CA LYS B 20 -5.29 -10.71 26.00
C LYS B 20 -5.62 -9.92 27.27
N GLN B 21 -4.62 -9.67 28.12
CA GLN B 21 -4.89 -9.00 29.39
C GLN B 21 -5.33 -7.56 29.17
N ASP B 22 -4.73 -6.87 28.19
CA ASP B 22 -5.13 -5.49 27.92
C ASP B 22 -6.50 -5.46 27.29
N LEU B 23 -6.76 -6.39 26.35
CA LEU B 23 -8.07 -6.51 25.74
C LEU B 23 -9.15 -6.66 26.80
N LEU B 24 -8.97 -7.62 27.71
CA LEU B 24 -9.94 -7.87 28.75
C LEU B 24 -10.03 -6.70 29.71
N LYS B 25 -8.90 -6.02 29.96
CA LYS B 25 -8.92 -4.86 30.84
C LYS B 25 -9.79 -3.75 30.26
N GLU B 26 -9.54 -3.36 29.00
CA GLU B 26 -10.33 -2.27 28.41
C GLU B 26 -11.77 -2.71 28.21
N ARG B 27 -11.98 -4.01 28.04
CA ARG B 27 -13.33 -4.55 27.88
C ARG B 27 -14.14 -4.48 29.17
N GLN B 28 -13.49 -4.27 30.32
CA GLN B 28 -14.28 -4.18 31.56
C GLN B 28 -15.33 -3.08 31.48
N LYS B 29 -15.13 -2.08 30.60
CA LYS B 29 -15.98 -0.89 30.62
C LYS B 29 -17.41 -1.24 30.18
N ASP B 30 -17.55 -2.09 29.17
CA ASP B 30 -18.87 -2.46 28.72
C ASP B 30 -19.49 -3.53 29.60
N LEU B 31 -18.67 -4.27 30.35
CA LEU B 31 -19.16 -5.39 31.13
C LEU B 31 -20.04 -4.95 32.28
N LYS B 32 -20.12 -3.66 32.60
CA LYS B 32 -21.03 -3.26 33.66
C LYS B 32 -22.46 -3.40 33.19
N PHE B 33 -22.72 -3.08 31.91
CA PHE B 33 -24.08 -3.16 31.40
C PHE B 33 -24.38 -4.56 30.89
N LEU B 34 -23.35 -5.25 30.39
CA LEU B 34 -23.48 -6.49 29.68
C LEU B 34 -22.75 -7.60 30.40
N SER B 35 -23.14 -8.82 30.12
CA SER B 35 -22.39 -9.95 30.62
C SER B 35 -21.35 -10.37 29.61
N GLU B 36 -20.42 -11.20 30.08
CA GLU B 36 -19.39 -11.74 29.22
C GLU B 36 -20.01 -12.53 28.07
N GLU B 37 -20.98 -13.40 28.36
CA GLU B 37 -21.58 -14.20 27.29
C GLU B 37 -22.32 -13.33 26.30
N GLU B 38 -23.04 -12.30 26.78
CA GLU B 38 -23.77 -11.40 25.89
C GLU B 38 -22.84 -10.60 24.99
N TYR B 39 -21.70 -10.17 25.52
CA TYR B 39 -20.74 -9.41 24.74
C TYR B 39 -20.27 -10.20 23.54
N TRP B 40 -19.81 -11.43 23.78
CA TRP B 40 -19.42 -12.32 22.68
C TRP B 40 -20.52 -12.36 21.63
N LYS B 41 -21.75 -12.67 22.06
CA LYS B 41 -22.91 -12.73 21.19
C LYS B 41 -23.07 -11.44 20.40
N LEU B 42 -22.83 -10.29 21.03
CA LEU B 42 -22.88 -9.01 20.34
C LEU B 42 -21.81 -8.92 19.25
N GLN B 43 -20.58 -9.36 19.54
CA GLN B 43 -19.57 -9.19 18.52
C GLN B 43 -19.65 -10.31 17.47
N ILE B 44 -20.12 -11.50 17.87
CA ILE B 44 -20.55 -12.49 16.90
C ILE B 44 -21.59 -11.89 15.97
N PHE B 45 -22.55 -11.15 16.53
CA PHE B 45 -23.68 -10.65 15.75
C PHE B 45 -23.23 -9.61 14.72
N PHE B 46 -22.28 -8.75 15.07
CA PHE B 46 -21.89 -7.74 14.09
C PHE B 46 -20.91 -8.32 13.05
N THR B 47 -20.16 -9.36 13.38
CA THR B 47 -19.47 -10.12 12.34
C THR B 47 -20.46 -10.58 11.28
N ASN B 48 -21.62 -11.08 11.73
CA ASN B 48 -22.68 -11.55 10.84
C ASN B 48 -23.33 -10.39 10.07
N VAL B 49 -23.50 -9.23 10.71
CA VAL B 49 -23.98 -8.05 9.99
C VAL B 49 -22.95 -7.60 8.94
N ILE B 50 -21.66 -7.78 9.21
CA ILE B 50 -20.67 -7.36 8.21
C ILE B 50 -20.60 -8.38 7.09
N GLN B 51 -20.57 -9.67 7.45
CA GLN B 51 -20.64 -10.71 6.44
C GLN B 51 -21.81 -10.45 5.49
N ALA B 52 -23.03 -10.38 6.06
CA ALA B 52 -24.22 -10.09 5.28
C ALA B 52 -24.06 -8.88 4.39
N LEU B 53 -23.50 -7.80 4.94
CA LEU B 53 -23.27 -6.56 4.19
C LEU B 53 -22.40 -6.81 2.96
N GLY B 54 -21.22 -7.39 3.17
CA GLY B 54 -20.31 -7.62 2.05
C GLY B 54 -20.86 -8.61 1.04
N GLU B 55 -21.62 -9.61 1.51
CA GLU B 55 -22.30 -10.53 0.61
C GLU B 55 -23.19 -9.77 -0.36
N HIS B 56 -23.93 -8.80 0.15
CA HIS B 56 -24.87 -8.03 -0.67
C HIS B 56 -24.13 -7.14 -1.67
N LEU B 57 -22.95 -6.68 -1.33
CA LEU B 57 -22.17 -5.85 -2.24
C LEU B 57 -21.26 -6.66 -3.13
N LYS B 58 -21.32 -7.99 -3.04
CA LYS B 58 -20.48 -8.87 -3.85
C LYS B 58 -18.98 -8.56 -3.64
N LEU B 59 -18.61 -8.29 -2.38
CA LEU B 59 -17.23 -8.03 -2.01
C LEU B 59 -16.53 -9.34 -1.68
N ARG B 60 -15.25 -9.43 -2.07
CA ARG B 60 -14.49 -10.66 -1.88
C ARG B 60 -14.21 -10.86 -0.39
N GLN B 61 -14.02 -12.12 -0.01
CA GLN B 61 -13.99 -12.49 1.41
C GLN B 61 -12.96 -11.69 2.18
N GLN B 62 -11.82 -11.35 1.55
CA GLN B 62 -10.79 -10.71 2.34
C GLN B 62 -11.10 -9.23 2.56
N VAL B 63 -11.73 -8.58 1.58
CA VAL B 63 -12.33 -7.28 1.85
C VAL B 63 -13.25 -7.36 3.06
N ILE B 64 -14.11 -8.38 3.12
CA ILE B 64 -15.02 -8.55 4.25
C ILE B 64 -14.25 -8.89 5.53
N ALA B 65 -13.15 -9.66 5.40
CA ALA B 65 -12.32 -9.95 6.57
C ALA B 65 -11.70 -8.66 7.10
N THR B 66 -11.04 -7.89 6.22
CA THR B 66 -10.42 -6.65 6.67
C THR B 66 -11.43 -5.74 7.35
N ALA B 67 -12.68 -5.73 6.88
CA ALA B 67 -13.68 -4.87 7.50
C ALA B 67 -14.05 -5.38 8.87
N THR B 68 -14.14 -6.70 9.01
CA THR B 68 -14.42 -7.32 10.31
C THR B 68 -13.31 -7.00 11.31
N VAL B 69 -12.05 -7.11 10.87
CA VAL B 69 -10.93 -6.73 11.74
C VAL B 69 -11.02 -5.26 12.13
N TYR B 70 -11.21 -4.37 11.15
CA TYR B 70 -11.39 -2.95 11.47
C TYR B 70 -12.37 -2.77 12.63
N PHE B 71 -13.52 -3.42 12.56
CA PHE B 71 -14.53 -3.37 13.62
C PHE B 71 -14.00 -3.85 14.96
N LYS B 72 -13.38 -5.04 14.98
CA LYS B 72 -12.82 -5.62 16.19
C LYS B 72 -11.74 -4.72 16.78
N ARG B 73 -10.91 -4.10 15.93
CA ARG B 73 -9.89 -3.18 16.43
C ARG B 73 -10.54 -2.01 17.16
N PHE B 74 -11.52 -1.36 16.53
CA PHE B 74 -12.06 -0.13 17.10
C PHE B 74 -12.63 -0.36 18.49
N TYR B 75 -13.44 -1.42 18.66
CA TYR B 75 -14.12 -1.70 19.91
C TYR B 75 -13.25 -2.49 20.89
N ALA B 76 -12.09 -2.98 20.45
CA ALA B 76 -11.05 -3.41 21.37
C ALA B 76 -10.50 -2.26 22.19
N ARG B 77 -10.61 -1.02 21.71
CA ARG B 77 -10.09 0.13 22.44
C ARG B 77 -11.18 1.01 23.03
N TYR B 78 -12.31 1.15 22.33
CA TYR B 78 -13.38 2.05 22.69
C TYR B 78 -14.63 1.27 22.98
N SER B 79 -15.54 1.91 23.68
CA SER B 79 -16.75 1.25 24.14
C SER B 79 -17.73 1.07 23.00
N LEU B 80 -18.70 0.18 23.24
CA LEU B 80 -19.88 0.05 22.38
C LEU B 80 -20.75 1.30 22.35
N LYS B 81 -20.64 2.20 23.33
CA LYS B 81 -21.44 3.41 23.26
C LYS B 81 -20.71 4.55 22.58
N SER B 82 -19.41 4.40 22.34
CA SER B 82 -18.63 5.45 21.70
C SER B 82 -19.21 5.79 20.34
N ILE B 83 -19.25 4.82 19.44
CA ILE B 83 -19.96 4.95 18.17
C ILE B 83 -20.95 3.80 18.03
N ASP B 84 -22.15 4.10 17.54
CA ASP B 84 -23.17 3.08 17.35
C ASP B 84 -22.64 2.01 16.42
N PRO B 85 -22.54 0.77 16.85
CA PRO B 85 -21.98 -0.28 15.95
C PRO B 85 -22.74 -0.40 14.63
N VAL B 86 -24.01 0.01 14.58
CA VAL B 86 -24.72 -0.04 13.31
C VAL B 86 -24.12 0.97 12.34
N LEU B 87 -23.62 2.10 12.83
CA LEU B 87 -22.90 2.98 11.92
C LEU B 87 -21.52 2.44 11.60
N MET B 88 -20.81 1.92 12.63
CA MET B 88 -19.45 1.47 12.43
C MET B 88 -19.35 0.40 11.36
N ALA B 89 -20.18 -0.63 11.44
CA ALA B 89 -20.04 -1.77 10.52
C ALA B 89 -20.06 -1.39 9.04
N PRO B 90 -21.07 -0.66 8.50
CA PRO B 90 -21.00 -0.19 7.10
C PRO B 90 -19.80 0.70 6.80
N THR B 91 -19.39 1.51 7.77
CA THR B 91 -18.17 2.31 7.64
C THR B 91 -16.93 1.45 7.47
N CYS B 92 -16.80 0.39 8.29
CA CYS B 92 -15.71 -0.56 8.11
C CYS B 92 -15.71 -1.14 6.71
N VAL B 93 -16.87 -1.62 6.28
CA VAL B 93 -16.95 -2.16 4.92
C VAL B 93 -16.53 -1.09 3.93
N PHE B 94 -16.94 0.15 4.16
CA PHE B 94 -16.64 1.21 3.21
C PHE B 94 -15.15 1.51 3.18
N LEU B 95 -14.50 1.50 4.35
CA LEU B 95 -13.08 1.77 4.38
C LEU B 95 -12.28 0.61 3.80
N ALA B 96 -12.72 -0.63 4.04
CA ALA B 96 -12.02 -1.77 3.49
C ALA B 96 -12.01 -1.74 1.96
N SER B 97 -13.16 -1.42 1.34
CA SER B 97 -13.27 -1.48 -0.12
C SER B 97 -12.31 -0.53 -0.80
N LYS B 98 -12.12 0.64 -0.22
CA LYS B 98 -11.21 1.60 -0.76
C LYS B 98 -9.81 1.16 -0.55
N VAL B 99 -9.51 0.87 0.69
CA VAL B 99 -8.17 0.45 1.07
C VAL B 99 -7.82 -0.84 0.35
N GLU B 100 -8.77 -1.76 0.28
CA GLU B 100 -8.41 -3.07 -0.24
C GLU B 100 -8.28 -3.09 -1.73
N GLU B 101 -8.24 -1.90 -2.32
CA GLU B 101 -8.14 -1.70 -3.77
C GLU B 101 -9.34 -2.18 -4.55
N PHE B 102 -10.31 -2.76 -3.86
CA PHE B 102 -11.48 -3.32 -4.54
C PHE B 102 -12.22 -2.28 -5.36
N GLY B 103 -12.29 -1.06 -4.85
CA GLY B 103 -13.01 0.01 -5.53
C GLY B 103 -14.02 0.68 -4.62
N VAL B 104 -14.07 2.01 -4.67
CA VAL B 104 -15.04 2.74 -3.85
C VAL B 104 -16.41 2.14 -4.11
N VAL B 105 -17.13 1.88 -3.03
CA VAL B 105 -18.51 1.47 -3.11
C VAL B 105 -19.31 2.71 -3.47
N SER B 106 -20.24 2.57 -4.41
CA SER B 106 -21.11 3.68 -4.77
C SER B 106 -21.78 4.20 -3.50
N ASN B 107 -21.74 5.53 -3.32
CA ASN B 107 -22.40 6.17 -2.18
C ASN B 107 -23.84 5.73 -2.08
N THR B 108 -24.56 5.66 -3.22
CA THR B 108 -25.92 5.15 -3.21
C THR B 108 -25.92 3.68 -2.81
N ARG B 109 -24.90 2.94 -3.23
CA ARG B 109 -24.88 1.50 -3.00
C ARG B 109 -24.64 1.18 -1.53
N LEU B 110 -23.77 1.94 -0.85
CA LEU B 110 -23.47 1.66 0.54
C LEU B 110 -24.70 1.83 1.43
N ILE B 111 -25.41 2.94 1.26
CA ILE B 111 -26.59 3.17 2.08
C ILE B 111 -27.68 2.16 1.74
N ALA B 112 -27.84 1.81 0.47
CA ALA B 112 -28.87 0.86 0.06
C ALA B 112 -28.59 -0.53 0.60
N ALA B 113 -27.33 -0.97 0.54
CA ALA B 113 -26.96 -2.25 1.15
C ALA B 113 -27.21 -2.23 2.65
N ALA B 114 -26.66 -1.24 3.37
CA ALA B 114 -27.05 -1.10 4.76
C ALA B 114 -28.55 -1.25 4.92
N THR B 115 -29.31 -0.32 4.33
CA THR B 115 -30.76 -0.30 4.50
C THR B 115 -31.37 -1.68 4.26
N SER B 116 -31.03 -2.32 3.14
CA SER B 116 -31.72 -3.55 2.75
C SER B 116 -31.38 -4.70 3.68
N VAL B 117 -30.11 -4.83 4.08
CA VAL B 117 -29.69 -6.01 4.84
C VAL B 117 -30.28 -6.01 6.24
N LEU B 118 -30.30 -4.87 6.93
CA LEU B 118 -31.03 -4.85 8.20
C LEU B 118 -32.49 -5.22 7.99
N LYS B 119 -33.17 -4.56 7.03
CA LYS B 119 -34.56 -4.88 6.71
C LYS B 119 -34.75 -6.37 6.44
N THR B 120 -33.97 -6.92 5.52
CA THR B 120 -34.21 -8.28 5.04
C THR B 120 -33.77 -9.34 6.05
N ARG B 121 -32.49 -9.34 6.40
CA ARG B 121 -31.85 -10.44 7.11
C ARG B 121 -31.74 -10.23 8.60
N PHE B 122 -32.09 -9.04 9.12
CA PHE B 122 -31.90 -8.72 10.54
C PHE B 122 -33.13 -8.04 11.16
N SER B 123 -34.30 -8.26 10.56
CA SER B 123 -35.52 -7.58 10.99
C SER B 123 -35.90 -7.95 12.42
N TYR B 124 -35.44 -9.10 12.92
CA TYR B 124 -35.67 -9.43 14.32
C TYR B 124 -34.89 -8.52 15.25
N ALA B 125 -33.75 -7.98 14.82
CA ALA B 125 -32.98 -7.13 15.71
C ALA B 125 -33.39 -5.68 15.56
N PHE B 126 -33.64 -5.24 14.33
CA PHE B 126 -33.99 -3.85 14.12
C PHE B 126 -35.36 -3.78 13.48
N PRO B 127 -36.37 -3.25 14.18
CA PRO B 127 -37.64 -2.88 13.56
C PRO B 127 -37.69 -1.46 13.03
N LYS B 128 -36.61 -0.69 13.20
CA LYS B 128 -36.64 0.76 13.09
C LYS B 128 -36.65 1.22 11.62
N GLU B 129 -35.60 0.81 10.93
CA GLU B 129 -35.29 1.16 9.54
C GLU B 129 -33.90 1.79 9.61
N PHE B 130 -33.02 1.52 8.68
CA PHE B 130 -31.66 2.02 8.79
C PHE B 130 -31.70 3.54 8.82
N PRO B 131 -31.06 4.19 9.80
CA PRO B 131 -31.26 5.64 10.01
C PRO B 131 -30.16 6.57 9.51
N TYR B 132 -29.01 6.09 9.05
CA TYR B 132 -27.86 6.93 8.73
C TYR B 132 -27.67 7.14 7.23
N ARG B 133 -27.16 8.32 6.90
CA ARG B 133 -26.93 8.76 5.53
C ARG B 133 -25.43 8.88 5.30
N MET B 134 -25.05 9.12 4.05
CA MET B 134 -23.63 9.20 3.72
C MET B 134 -22.89 10.23 4.56
N ASN B 135 -23.59 11.26 5.04
CA ASN B 135 -22.99 12.25 5.94
C ASN B 135 -22.34 11.60 7.17
N HIS B 136 -23.06 10.67 7.81
CA HIS B 136 -22.54 10.04 9.02
C HIS B 136 -21.42 9.06 8.72
N ILE B 137 -21.51 8.37 7.59
CA ILE B 137 -20.50 7.39 7.22
C ILE B 137 -19.15 8.07 7.09
N LEU B 138 -19.14 9.23 6.43
CA LEU B 138 -17.89 9.92 6.21
C LEU B 138 -17.33 10.51 7.50
N GLU B 139 -18.20 10.96 8.41
CA GLU B 139 -17.72 11.46 9.70
C GLU B 139 -17.11 10.33 10.51
N CYS B 140 -17.78 9.16 10.55
CA CYS B 140 -17.32 7.98 11.29
C CYS B 140 -16.03 7.41 10.70
N GLU B 141 -15.86 7.54 9.38
CA GLU B 141 -14.65 7.13 8.70
C GLU B 141 -13.41 7.80 9.31
N PHE B 142 -13.54 9.08 9.68
CA PHE B 142 -12.41 9.82 10.22
C PHE B 142 -12.04 9.30 11.61
N TYR B 143 -13.05 9.07 12.46
CA TYR B 143 -12.82 8.45 13.75
C TYR B 143 -12.18 7.07 13.60
N LEU B 144 -12.46 6.37 12.49
CA LEU B 144 -11.93 5.01 12.30
C LEU B 144 -10.47 5.04 11.94
N LEU B 145 -10.10 5.88 10.98
CA LEU B 145 -8.69 6.02 10.64
C LEU B 145 -7.89 6.49 11.85
N GLU B 146 -8.43 7.49 12.57
CA GLU B 146 -7.72 8.03 13.73
C GLU B 146 -7.38 6.92 14.71
N LEU B 147 -8.35 6.08 15.03
CA LEU B 147 -8.17 5.09 16.10
C LEU B 147 -7.18 4.02 15.67
N MET B 148 -7.28 3.57 14.42
CA MET B 148 -6.35 2.56 13.93
C MET B 148 -4.97 3.12 13.65
N ASP B 149 -4.80 4.44 13.78
CA ASP B 149 -3.52 5.06 13.51
C ASP B 149 -3.15 4.87 12.04
N CYS B 150 -4.17 4.74 11.21
CA CYS B 150 -3.99 4.54 9.78
C CYS B 150 -3.25 3.25 9.43
N CYS B 151 -3.32 2.21 10.27
CA CYS B 151 -2.90 0.88 9.86
C CYS B 151 -4.05 0.28 9.09
N LEU B 152 -3.92 0.17 7.77
CA LEU B 152 -5.03 -0.32 6.99
C LEU B 152 -4.74 -1.64 6.28
N ILE B 153 -3.47 -2.02 6.15
CA ILE B 153 -3.11 -3.30 5.53
C ILE B 153 -3.28 -4.39 6.58
N VAL B 154 -4.12 -5.38 6.30
CA VAL B 154 -4.44 -6.44 7.25
C VAL B 154 -4.15 -7.80 6.62
N TYR B 155 -3.59 -8.69 7.42
CA TYR B 155 -3.22 -10.03 7.01
C TYR B 155 -4.24 -11.03 7.57
N HIS B 156 -4.51 -12.06 6.80
CA HIS B 156 -5.56 -13.00 7.14
C HIS B 156 -5.04 -14.42 6.96
N PRO B 157 -5.69 -15.41 7.57
CA PRO B 157 -5.22 -16.78 7.45
C PRO B 157 -5.39 -17.38 6.08
N TYR B 158 -6.16 -16.78 5.17
CA TYR B 158 -6.42 -17.44 3.90
C TYR B 158 -5.12 -17.72 3.13
N ARG B 159 -4.28 -16.71 2.91
CA ARG B 159 -3.02 -16.94 2.21
C ARG B 159 -2.14 -18.00 2.86
N PRO B 160 -1.76 -17.93 4.14
CA PRO B 160 -0.90 -19.00 4.67
C PRO B 160 -1.55 -20.37 4.54
N LEU B 161 -2.88 -20.44 4.70
CA LEU B 161 -3.60 -21.71 4.65
C LEU B 161 -3.50 -22.36 3.26
N LEU B 162 -3.60 -21.56 2.19
CA LEU B 162 -3.46 -22.14 0.87
C LEU B 162 -2.09 -22.78 0.72
N GLN B 163 -1.04 -22.06 1.14
CA GLN B 163 0.32 -22.61 1.09
C GLN B 163 0.39 -23.94 1.83
N TYR B 164 -0.24 -24.02 3.01
CA TYR B 164 -0.15 -25.20 3.85
C TYR B 164 -0.81 -26.41 3.19
N VAL B 165 -2.09 -26.29 2.81
CA VAL B 165 -2.79 -27.43 2.21
C VAL B 165 -2.16 -27.79 0.87
N GLN B 166 -1.67 -26.81 0.12
CA GLN B 166 -1.02 -27.13 -1.14
C GLN B 166 0.30 -27.86 -0.89
N ASP B 167 1.15 -27.33 -0.02
CA ASP B 167 2.45 -27.94 0.24
C ASP B 167 2.34 -29.22 1.04
N MET B 168 1.23 -29.40 1.80
CA MET B 168 1.00 -30.68 2.44
C MET B 168 0.49 -31.73 1.45
N GLY B 169 -0.24 -31.31 0.43
CA GLY B 169 -0.37 -32.11 -0.76
C GLY B 169 -1.72 -32.72 -1.02
N GLN B 170 -2.72 -32.55 -0.14
CA GLN B 170 -4.12 -32.82 -0.53
C GLN B 170 -4.97 -31.57 -0.26
N GLU B 171 -4.80 -30.66 -1.17
CA GLU B 171 -5.44 -29.37 -1.27
C GLU B 171 -6.92 -29.48 -1.50
N ASP B 172 -7.34 -30.34 -2.38
CA ASP B 172 -8.75 -30.43 -2.67
C ASP B 172 -9.61 -31.13 -1.63
N MET B 173 -9.01 -31.95 -0.80
CA MET B 173 -9.81 -32.66 0.20
C MET B 173 -9.95 -31.97 1.55
N LEU B 174 -9.06 -31.04 1.82
CA LEU B 174 -9.07 -30.33 3.10
C LEU B 174 -9.48 -28.87 3.05
N LEU B 175 -9.19 -28.17 1.96
CA LEU B 175 -9.32 -26.72 1.98
C LEU B 175 -10.74 -26.20 2.14
N PRO B 176 -11.78 -26.80 1.54
CA PRO B 176 -13.14 -26.22 1.70
C PRO B 176 -13.57 -26.14 3.16
N LEU B 177 -13.39 -27.21 3.91
CA LEU B 177 -13.74 -27.17 5.32
C LEU B 177 -12.81 -26.25 6.11
N ALA B 178 -11.50 -26.28 5.82
CA ALA B 178 -10.57 -25.48 6.59
C ALA B 178 -10.81 -23.99 6.36
N TRP B 179 -11.10 -23.62 5.09
CA TRP B 179 -11.52 -22.27 4.75
C TRP B 179 -12.78 -21.84 5.51
N ARG B 180 -13.75 -22.73 5.66
CA ARG B 180 -14.93 -22.37 6.41
C ARG B 180 -14.57 -22.09 7.87
N ILE B 181 -13.67 -22.91 8.43
CA ILE B 181 -13.29 -22.76 9.84
C ILE B 181 -12.48 -21.50 10.03
N VAL B 182 -11.74 -21.08 9.01
CA VAL B 182 -11.13 -19.76 9.07
C VAL B 182 -12.21 -18.68 9.10
N ASN B 183 -13.18 -18.75 8.17
CA ASN B 183 -14.34 -17.85 8.22
C ASN B 183 -14.85 -17.73 9.63
N ASP B 184 -14.98 -18.87 10.33
CA ASP B 184 -15.65 -18.95 11.63
C ASP B 184 -14.84 -18.37 12.79
N THR B 185 -13.50 -18.31 12.67
CA THR B 185 -12.67 -17.67 13.68
C THR B 185 -12.97 -16.18 13.79
N TYR B 186 -13.54 -15.57 12.77
CA TYR B 186 -13.95 -14.16 12.88
C TYR B 186 -15.11 -13.96 13.81
N ARG B 187 -15.69 -15.03 14.36
CA ARG B 187 -16.65 -14.93 15.45
C ARG B 187 -15.94 -14.75 16.78
N THR B 188 -14.61 -14.62 16.76
CA THR B 188 -13.80 -14.58 17.98
C THR B 188 -12.75 -13.47 17.87
N ASP B 189 -11.97 -13.32 18.95
CA ASP B 189 -10.91 -12.33 19.03
C ASP B 189 -9.59 -12.83 18.47
N LEU B 190 -9.61 -13.95 17.72
CA LEU B 190 -8.36 -14.58 17.32
C LEU B 190 -7.51 -13.65 16.48
N CYS B 191 -8.12 -12.89 15.55
CA CYS B 191 -7.41 -12.03 14.61
C CYS B 191 -6.66 -10.91 15.30
N LEU B 192 -7.00 -10.64 16.56
CA LEU B 192 -6.35 -9.65 17.41
C LEU B 192 -5.21 -10.19 18.27
N LEU B 193 -5.12 -11.52 18.45
CA LEU B 193 -4.20 -12.10 19.41
C LEU B 193 -3.10 -12.96 18.81
N TYR B 194 -3.28 -13.50 17.60
CA TYR B 194 -2.32 -14.41 17.01
C TYR B 194 -2.06 -14.05 15.54
N PRO B 195 -0.85 -14.29 15.04
CA PRO B 195 -0.59 -14.13 13.62
C PRO B 195 -1.46 -15.03 12.80
N PRO B 196 -1.81 -14.65 11.57
CA PRO B 196 -2.73 -15.48 10.80
C PRO B 196 -2.13 -16.82 10.40
N PHE B 197 -0.80 -17.00 10.48
CA PHE B 197 -0.26 -18.30 10.10
C PHE B 197 -0.59 -19.32 11.18
N MET B 198 -0.50 -18.89 12.45
CA MET B 198 -0.90 -19.74 13.57
C MET B 198 -2.39 -20.06 13.53
N ILE B 199 -3.23 -19.04 13.34
CA ILE B 199 -4.67 -19.26 13.17
C ILE B 199 -4.93 -20.29 12.08
N ALA B 200 -4.31 -20.09 10.92
CA ALA B 200 -4.50 -20.97 9.77
C ALA B 200 -4.08 -22.41 10.09
N LEU B 201 -3.02 -22.58 10.90
CA LEU B 201 -2.54 -23.92 11.22
C LEU B 201 -3.52 -24.63 12.14
N ALA B 202 -4.07 -23.88 13.10
CA ALA B 202 -5.07 -24.42 13.99
C ALA B 202 -6.36 -24.74 13.23
N CYS B 203 -6.69 -23.96 12.20
CA CYS B 203 -7.88 -24.28 11.38
C CYS B 203 -7.63 -25.50 10.48
N LEU B 204 -6.40 -25.70 10.03
CA LEU B 204 -6.11 -26.90 9.28
C LEU B 204 -6.24 -28.09 10.18
N HIS B 205 -5.75 -27.97 11.41
CA HIS B 205 -5.73 -29.09 12.31
C HIS B 205 -7.13 -29.60 12.59
N VAL B 206 -8.08 -28.69 12.85
CA VAL B 206 -9.46 -29.09 13.12
C VAL B 206 -10.09 -29.74 11.90
N ALA B 207 -9.78 -29.24 10.71
CA ALA B 207 -10.41 -29.81 9.53
C ALA B 207 -10.00 -31.26 9.34
N CYS B 208 -8.71 -31.57 9.59
CA CYS B 208 -8.20 -32.95 9.55
C CYS B 208 -8.91 -33.84 10.56
N VAL B 209 -9.06 -33.35 11.80
CA VAL B 209 -9.81 -34.08 12.82
C VAL B 209 -11.22 -34.38 12.33
N VAL B 210 -11.91 -33.37 11.78
CA VAL B 210 -13.26 -33.58 11.26
C VAL B 210 -13.26 -34.62 10.14
N GLN B 211 -12.30 -34.56 9.21
CA GLN B 211 -12.25 -35.50 8.10
C GLN B 211 -11.50 -36.79 8.44
N GLN B 212 -11.03 -36.92 9.68
CA GLN B 212 -10.32 -38.08 10.26
C GLN B 212 -8.91 -38.30 9.70
N LYS B 213 -8.42 -37.47 8.76
CA LYS B 213 -7.03 -37.53 8.33
C LYS B 213 -6.06 -37.31 9.49
N ASP B 214 -4.98 -38.09 9.51
CA ASP B 214 -3.94 -38.00 10.53
C ASP B 214 -2.70 -37.40 9.87
N ALA B 215 -2.39 -36.17 10.25
CA ALA B 215 -1.31 -35.41 9.67
C ALA B 215 -0.21 -35.14 10.67
N ARG B 216 -0.17 -35.95 11.75
CA ARG B 216 0.78 -35.75 12.85
C ARG B 216 2.20 -35.71 12.34
N GLN B 217 2.58 -36.66 11.48
CA GLN B 217 3.86 -36.54 10.78
C GLN B 217 4.08 -35.10 10.31
N TRP B 218 3.25 -34.65 9.35
CA TRP B 218 3.43 -33.33 8.74
C TRP B 218 3.57 -32.21 9.79
N PHE B 219 2.74 -32.22 10.82
CA PHE B 219 2.74 -31.12 11.78
C PHE B 219 4.01 -31.13 12.63
N ALA B 220 4.48 -32.30 13.00
CA ALA B 220 5.66 -32.37 13.86
C ALA B 220 6.91 -32.04 13.09
N GLU B 221 6.79 -32.01 11.77
CA GLU B 221 7.90 -31.67 10.92
C GLU B 221 8.06 -30.17 10.90
N LEU B 222 6.96 -29.47 11.13
CA LEU B 222 6.97 -28.04 11.16
C LEU B 222 7.59 -27.58 12.44
N SER B 223 8.30 -26.47 12.36
CA SER B 223 8.94 -25.89 13.49
C SER B 223 8.07 -24.76 13.94
N VAL B 224 7.08 -25.08 14.76
CA VAL B 224 6.15 -24.08 15.26
C VAL B 224 5.76 -24.49 16.67
N ASP B 225 5.77 -23.53 17.59
CA ASP B 225 5.42 -23.81 18.98
C ASP B 225 4.01 -24.38 19.02
N MET B 226 3.88 -25.72 19.01
CA MET B 226 2.55 -26.32 18.99
C MET B 226 1.70 -25.88 20.17
N GLU B 227 2.30 -25.73 21.36
CA GLU B 227 1.55 -25.28 22.53
C GLU B 227 0.82 -23.97 22.27
N LYS B 228 1.33 -23.12 21.38
CA LYS B 228 0.62 -21.91 21.03
C LYS B 228 -0.57 -22.21 20.13
N ILE B 229 -0.36 -22.98 19.06
CA ILE B 229 -1.45 -23.22 18.15
C ILE B 229 -2.56 -24.01 18.83
N LEU B 230 -2.22 -24.81 19.85
CA LEU B 230 -3.21 -25.61 20.54
C LEU B 230 -4.18 -24.74 21.36
N GLU B 231 -3.73 -23.57 21.84
CA GLU B 231 -4.65 -22.63 22.47
C GLU B 231 -5.75 -22.25 21.50
N ILE B 232 -5.37 -21.97 20.24
CA ILE B 232 -6.31 -21.55 19.21
C ILE B 232 -7.30 -22.66 18.92
N ILE B 233 -6.83 -23.89 18.94
CA ILE B 233 -7.70 -24.99 18.76
C ILE B 233 -8.79 -24.98 19.79
N ARG B 234 -8.44 -24.72 21.04
CA ARG B 234 -9.43 -24.73 22.11
C ARG B 234 -10.46 -23.63 21.90
N VAL B 235 -10.01 -22.45 21.46
CA VAL B 235 -10.91 -21.35 21.17
C VAL B 235 -11.91 -21.76 20.09
N ILE B 236 -11.41 -22.34 18.99
CA ILE B 236 -12.25 -22.76 17.88
C ILE B 236 -13.25 -23.82 18.32
N LEU B 237 -12.85 -24.72 19.23
CA LEU B 237 -13.83 -25.69 19.74
C LEU B 237 -14.84 -25.01 20.67
N LYS B 238 -14.37 -24.10 21.53
CA LYS B 238 -15.26 -23.23 22.29
C LYS B 238 -16.18 -22.43 21.36
N LEU B 239 -15.69 -22.09 20.18
CA LEU B 239 -16.53 -21.41 19.21
C LEU B 239 -17.75 -22.25 18.82
N TYR B 240 -17.55 -23.55 18.62
CA TYR B 240 -18.60 -24.41 18.16
C TYR B 240 -19.56 -24.81 19.22
N GLU B 241 -19.09 -24.92 20.43
CA GLU B 241 -19.97 -25.08 21.57
C GLU B 241 -20.85 -23.85 21.74
N GLN B 242 -20.27 -22.66 21.57
CA GLN B 242 -21.05 -21.43 21.66
C GLN B 242 -22.15 -21.39 20.61
N TRP B 243 -21.82 -21.79 19.37
CA TRP B 243 -22.75 -21.70 18.27
C TRP B 243 -24.02 -22.48 18.58
N LYS B 244 -23.84 -23.67 19.14
CA LYS B 244 -24.96 -24.54 19.48
C LYS B 244 -25.92 -23.85 20.45
N ASN B 245 -25.40 -23.20 21.47
CA ASN B 245 -26.25 -22.64 22.48
C ASN B 245 -26.68 -21.23 22.28
N PHE B 246 -26.39 -20.68 21.12
CA PHE B 246 -26.73 -19.29 20.79
C PHE B 246 -27.86 -19.24 19.76
N ASP B 247 -28.93 -18.56 20.10
CA ASP B 247 -30.06 -18.38 19.23
C ASP B 247 -30.15 -16.91 18.94
N GLU B 248 -29.30 -16.40 18.07
CA GLU B 248 -29.20 -14.96 17.83
C GLU B 248 -30.56 -14.34 17.58
N ARG B 249 -31.40 -15.01 16.78
CA ARG B 249 -32.65 -14.40 16.35
C ARG B 249 -33.64 -14.33 17.49
N LYS B 250 -33.48 -15.18 18.50
CA LYS B 250 -34.34 -15.15 19.69
C LYS B 250 -33.69 -14.43 20.86
N GLU B 251 -32.38 -14.22 20.81
CA GLU B 251 -31.72 -13.54 21.91
C GLU B 251 -31.32 -12.10 21.61
N MET B 252 -31.04 -11.75 20.35
CA MET B 252 -30.21 -10.57 20.12
C MET B 252 -30.92 -9.29 20.52
N ALA B 253 -32.23 -9.22 20.36
CA ALA B 253 -32.91 -7.95 20.54
C ALA B 253 -32.81 -7.47 21.98
N THR B 254 -32.99 -8.36 22.95
CA THR B 254 -32.89 -7.94 24.34
C THR B 254 -31.45 -7.62 24.71
N ILE B 255 -30.49 -8.30 24.07
CA ILE B 255 -29.09 -7.95 24.25
C ILE B 255 -28.80 -6.57 23.65
N LEU B 256 -29.47 -6.24 22.54
CA LEU B 256 -29.25 -4.95 21.90
C LEU B 256 -29.78 -3.81 22.77
N SER B 257 -30.90 -4.03 23.48
CA SER B 257 -31.35 -3.00 24.42
C SER B 257 -30.39 -2.88 25.59
N LYS B 258 -29.87 -4.02 26.08
CA LYS B 258 -28.93 -4.02 27.20
C LYS B 258 -27.70 -3.18 26.89
N MET B 259 -27.16 -3.33 25.68
CA MET B 259 -25.90 -2.69 25.28
C MET B 259 -25.97 -1.18 25.43
N PRO B 260 -24.91 -0.54 25.99
CA PRO B 260 -24.94 0.90 26.25
C PRO B 260 -25.03 1.70 24.96
N LYS B 261 -25.63 2.88 25.05
CA LYS B 261 -25.92 3.67 23.86
C LYS B 261 -25.27 5.05 23.94
N PRO B 262 -25.03 5.69 22.79
CA PRO B 262 -24.42 7.03 22.82
C PRO B 262 -25.34 8.06 23.46
N LYS B 263 -24.74 8.99 24.23
CA LYS B 263 -25.45 10.01 25.00
C LYS B 263 -25.42 11.34 24.27
N PRO B 264 -26.51 12.12 24.23
CA PRO B 264 -26.50 13.38 23.47
C PRO B 264 -25.97 14.51 24.32
N PRO B 265 -25.77 15.72 23.75
CA PRO B 265 -25.45 16.94 24.51
C PRO B 265 -26.55 17.39 25.45
CAB NZ8 C . 6.70 4.90 -3.36
CAE NZ8 C . 5.29 5.50 -3.25
CAF NZ8 C . 5.05 6.78 -2.79
CAG NZ8 C . 3.74 7.21 -2.72
CAI NZ8 C . 4.32 9.62 -2.32
CAL NZ8 C . 4.50 12.10 -1.82
CAM NZ8 C . 5.89 12.13 -1.91
CAN NZ8 C . 6.56 13.33 -1.98
CAO NZ8 C . 5.81 14.54 -1.95
CAQ NZ8 C . 6.06 16.92 -2.88
CAS NZ8 C . 4.76 16.83 -3.69
CAT NZ8 C . 4.70 17.40 -4.98
CAU NZ8 C . 3.49 17.32 -5.65
CAV NZ8 C . 2.38 16.69 -5.06
CAX NZ8 C . 3.64 16.25 -3.15
CAZ NZ8 C . 4.44 14.49 -1.87
CBA NZ8 C . 3.75 13.26 -1.81
CBB NZ8 C . 7.77 16.02 -1.30
CBC NZ8 C . 7.97 15.42 -0.06
CBD NZ8 C . 9.19 15.59 0.59
CBF NZ8 C . 10.02 16.88 -1.09
CBG NZ8 C . 8.83 16.76 -1.79
CBH NZ8 C . 2.67 6.43 -3.11
CBI NZ8 C . 2.92 5.15 -3.55
CBJ NZ8 C . 4.24 4.71 -3.61
FAA NZ8 C . 7.67 5.70 -2.78
FAC NZ8 C . 6.64 3.66 -2.79
FAD NZ8 C . 7.00 4.72 -4.68
NAH NZ8 C . 3.42 8.53 -2.26
NAK NZ8 C . 3.76 10.86 -1.80
NAP NZ8 C . 6.51 15.85 -2.04
NAW NZ8 C . 2.47 16.18 -3.85
NBE NZ8 C . 10.17 16.30 0.07
OAJ NZ8 C . 5.42 9.49 -2.74
OAR NZ8 C . 6.64 17.94 -2.94
OAY NZ8 C . 3.67 15.66 -1.85
CLK NZ8 C . 4.62 3.10 -4.19
C FMT D . 8.34 4.63 7.46
O1 FMT D . 7.15 3.88 7.70
O2 FMT D . 8.89 5.12 8.66
C FMT E . -0.15 -1.38 -5.82
O1 FMT E . -0.72 -0.11 -6.06
O2 FMT E . 1.01 -1.62 -6.61
C FMT F . 7.25 9.31 18.01
O1 FMT F . 6.08 8.67 18.47
O2 FMT F . 6.98 10.15 16.92
C03 NZ5 G . 5.41 8.23 13.58
C04 NZ5 G . 4.52 8.17 14.80
C05 NZ5 G . 6.19 6.93 13.42
C06 NZ5 G . 3.08 8.64 14.58
O01 NZ5 G . 6.30 9.27 13.79
O02 NZ5 G . 5.96 6.36 12.16
C03 NZ5 H . 27.38 1.37 0.66
C04 NZ5 H . 27.43 2.68 1.50
C05 NZ5 H . 28.73 0.96 0.06
C06 NZ5 H . 28.77 3.02 2.17
O01 NZ5 H . 26.43 1.52 -0.38
O02 NZ5 H . 28.48 0.13 -1.05
C03 NZ5 I . 32.62 4.73 -14.05
C04 NZ5 I . 33.80 5.50 -14.67
C05 NZ5 I . 31.69 4.17 -15.14
C06 NZ5 I . 34.54 6.48 -13.77
O01 NZ5 I . 31.83 5.54 -13.20
O02 NZ5 I . 32.02 2.81 -15.37
C FMT J . -0.69 -15.96 25.07
O1 FMT J . -1.69 -15.05 25.38
O2 FMT J . -0.69 -16.15 23.69
C FMT K . 5.62 0.33 11.84
O1 FMT K . 5.54 0.82 13.15
O2 FMT K . 4.34 -0.11 11.43
C FMT L . -9.06 -15.97 22.69
O1 FMT L . -9.51 -16.69 23.81
O2 FMT L . -10.09 -15.17 22.13
C FMT M . -19.31 -16.12 10.43
O1 FMT M . -18.78 -15.29 9.41
O2 FMT M . -18.84 -17.45 10.40
C FMT N . -12.43 -21.84 -1.50
O1 FMT N . -12.61 -23.20 -1.21
O2 FMT N . -11.39 -21.72 -2.44
C FMT O . -1.79 -8.92 2.30
O1 FMT O . -1.43 -8.09 1.22
O2 FMT O . -2.61 -8.21 3.17
C FMT P . 2.38 -9.79 20.41
O1 FMT P . 2.06 -11.16 20.57
O2 FMT P . 1.60 -8.98 21.26
C FMT Q . -18.38 -29.73 16.47
O1 FMT Q . -17.79 -30.06 15.24
O2 FMT Q . -18.36 -30.90 17.25
C FMT R . -10.26 -38.97 14.22
O1 FMT R . -11.41 -38.94 15.02
O2 FMT R . -9.68 -37.69 14.12
C03 NZ5 S . -18.84 -27.59 5.98
C04 NZ5 S . -17.72 -27.35 4.97
C05 NZ5 S . -19.45 -28.97 5.70
C06 NZ5 S . -17.89 -26.12 4.10
O01 NZ5 S . -19.83 -26.62 5.82
O02 NZ5 S . -19.95 -29.58 6.84
#